data_4H1S
#
_entry.id   4H1S
#
_cell.length_a   54.910
_cell.length_b   95.010
_cell.length_c   230.290
_cell.angle_alpha   90.00
_cell.angle_beta   90.00
_cell.angle_gamma   90.00
#
_symmetry.space_group_name_H-M   'P 2 21 21'
#
loop_
_entity.id
_entity.type
_entity.pdbx_description
1 polymer "5'-nucleotidase"
2 non-polymer 2-acetamido-2-deoxy-beta-D-glucopyranose
3 non-polymer 'ZINC ION'
4 non-polymer 'PHOSPHATE ION'
5 water water
#
_entity_poly.entity_id   1
_entity_poly.type   'polypeptide(L)'
_entity_poly.pdbx_seq_one_letter_code
;MWELTILHTNDVHSRLEQTSEDSSKCVNASRCMGGVARLFTKVQQIRRAEPNVLLLDAGDQYQGTIWFTVYKGAEVAHFM
NALRYDAMALGNHEFDNGVEGLIEPLLKEAKFPILSANIKAKGPLASQISGLYLPYKVLPVGDEVVGIVGYTSKETPFLS
NPGTNLVFEDEITALQPEVDKLKTLNVNKIIALGHSGFEMDKLIAQKVRGVDVVVGGHSNTFLYTGNPPSKEVPAGKYPF
IVTSDDGRKVPVVQAYAFGKYLGYLKIEFDERGNVISSHGNPILLNSSIPEDPSIKADINKWRIKLDNYSTQELGKTIVY
LDGSSQSCRFRECNMGNLICDAMINNNLRHTDEMFWNHVSMCILNGGGIRSPIDERNNGTITWENLAAVLPFGGTFDLVQ
LKGSTLKKAFEHSVHRYGQSTGEFLQVGGIHVVYDLSRKPGDRVVKLDVLCTKCRVPSYDPLKMDEVYKVILPNFLANGG
DGFQMIKDELLRHDSGDQDINVVSTYISKMKVIYPAVEGRIKFSHHHHHH
;
_entity_poly.pdbx_strand_id   A,B
#
loop_
_chem_comp.id
_chem_comp.type
_chem_comp.name
_chem_comp.formula
NAG D-saccharide, beta linking 2-acetamido-2-deoxy-beta-D-glucopyranose 'C8 H15 N O6'
PO4 non-polymer 'PHOSPHATE ION' 'O4 P -3'
ZN non-polymer 'ZINC ION' 'Zn 2'
#
# COMPACT_ATOMS: atom_id res chain seq x y z
N TRP A 2 -51.07 35.31 3.96
CA TRP A 2 -49.94 35.73 3.11
C TRP A 2 -48.87 34.66 2.98
N GLU A 3 -48.68 34.18 1.76
CA GLU A 3 -47.73 33.09 1.51
C GLU A 3 -46.43 33.60 0.89
N LEU A 4 -45.32 33.12 1.43
CA LEU A 4 -44.00 33.47 0.91
C LEU A 4 -43.35 32.21 0.33
N THR A 5 -42.81 32.31 -0.87
CA THR A 5 -42.04 31.19 -1.41
C THR A 5 -40.54 31.51 -1.31
N ILE A 6 -39.86 30.76 -0.46
CA ILE A 6 -38.42 30.92 -0.32
C ILE A 6 -37.68 29.88 -1.17
N LEU A 7 -36.91 30.37 -2.14
CA LEU A 7 -36.03 29.54 -2.95
C LEU A 7 -34.61 29.73 -2.44
N HIS A 8 -33.88 28.64 -2.28
CA HIS A 8 -32.59 28.77 -1.61
C HIS A 8 -31.50 27.81 -2.09
N THR A 9 -30.31 28.36 -2.25
CA THR A 9 -29.11 27.60 -2.57
C THR A 9 -28.07 27.82 -1.49
N ASN A 10 -27.15 26.86 -1.36
CA ASN A 10 -25.99 26.98 -0.49
C ASN A 10 -24.87 26.11 -1.03
N ASP A 11 -23.65 26.48 -0.72
CA ASP A 11 -22.48 25.69 -1.08
C ASP A 11 -22.46 25.27 -2.55
N VAL A 12 -22.85 26.19 -3.43
CA VAL A 12 -22.79 25.92 -4.85
C VAL A 12 -21.35 25.65 -5.30
N HIS A 13 -20.40 26.33 -4.66
CA HIS A 13 -18.99 26.07 -4.87
C HIS A 13 -18.58 26.01 -6.33
N SER A 14 -18.90 27.07 -7.06
CA SER A 14 -18.39 27.27 -8.40
C SER A 14 -18.90 26.23 -9.41
N ARG A 15 -19.98 25.52 -9.07
CA ARG A 15 -20.58 24.65 -10.07
C ARG A 15 -21.51 25.46 -11.00
N LEU A 16 -20.92 26.36 -11.78
CA LEU A 16 -21.64 27.19 -12.73
C LEU A 16 -22.24 26.34 -13.86
N GLU A 17 -21.45 25.39 -14.35
CA GLU A 17 -21.92 24.49 -15.39
C GLU A 17 -22.64 23.31 -14.80
N GLN A 18 -23.52 22.68 -15.58
CA GLN A 18 -24.14 21.45 -15.11
C GLN A 18 -23.05 20.42 -14.78
N THR A 19 -23.40 19.46 -13.94
CA THR A 19 -22.41 18.51 -13.46
C THR A 19 -22.92 17.08 -13.59
N SER A 20 -22.01 16.15 -13.39
CA SER A 20 -22.36 14.76 -13.17
C SER A 20 -23.14 14.66 -11.85
N GLU A 21 -23.83 13.55 -11.65
CA GLU A 21 -24.57 13.30 -10.42
C GLU A 21 -23.78 13.57 -9.13
N ASP A 22 -22.48 13.29 -9.14
CA ASP A 22 -21.62 13.46 -7.97
C ASP A 22 -20.88 14.80 -7.97
N SER A 23 -21.32 15.74 -8.82
CA SER A 23 -20.79 17.11 -8.86
C SER A 23 -19.48 17.29 -9.62
N SER A 24 -18.92 16.21 -10.16
CA SER A 24 -17.71 16.34 -10.97
C SER A 24 -18.11 16.72 -12.39
N LYS A 25 -17.13 16.89 -13.27
CA LYS A 25 -17.41 17.40 -14.61
C LYS A 25 -18.53 16.67 -15.36
N CYS A 26 -19.39 17.42 -16.04
CA CYS A 26 -20.43 16.80 -16.85
C CYS A 26 -19.82 16.12 -18.08
N VAL A 27 -20.20 14.88 -18.32
CA VAL A 27 -19.69 14.13 -19.47
C VAL A 27 -20.80 13.67 -20.42
N ASN A 28 -21.76 12.92 -19.89
CA ASN A 28 -22.93 12.48 -20.65
C ASN A 28 -24.11 13.42 -20.40
N ALA A 29 -24.16 14.51 -21.16
CA ALA A 29 -25.15 15.58 -20.95
C ALA A 29 -26.60 15.16 -21.15
N SER A 30 -27.01 14.07 -20.52
CA SER A 30 -28.40 13.65 -20.51
C SER A 30 -28.70 13.12 -19.11
N ARG A 31 -27.62 12.92 -18.34
CA ARG A 31 -27.72 12.51 -16.97
C ARG A 31 -27.20 13.64 -16.08
N CYS A 32 -26.87 14.76 -16.71
CA CYS A 32 -26.25 15.86 -15.97
C CYS A 32 -27.25 16.68 -15.16
N MET A 33 -26.74 17.48 -14.22
CA MET A 33 -27.57 18.11 -13.21
C MET A 33 -27.07 19.47 -12.80
N GLY A 34 -27.98 20.26 -12.22
CA GLY A 34 -27.65 21.59 -11.73
C GLY A 34 -27.11 22.49 -12.83
N GLY A 35 -26.19 23.36 -12.45
CA GLY A 35 -25.70 24.40 -13.34
C GLY A 35 -26.58 25.64 -13.22
N VAL A 36 -26.01 26.80 -13.50
CA VAL A 36 -26.75 28.05 -13.34
C VAL A 36 -27.87 28.19 -14.39
N ALA A 37 -27.64 27.66 -15.58
CA ALA A 37 -28.63 27.78 -16.66
C ALA A 37 -29.91 27.02 -16.37
N ARG A 38 -29.78 25.88 -15.70
CA ARG A 38 -30.93 25.06 -15.36
C ARG A 38 -31.62 25.69 -14.13
N LEU A 39 -30.81 26.19 -13.21
CA LEU A 39 -31.32 26.90 -12.06
C LEU A 39 -32.23 28.06 -12.50
N PHE A 40 -31.79 28.82 -13.52
CA PHE A 40 -32.55 29.97 -14.02
C PHE A 40 -33.94 29.53 -14.43
N THR A 41 -34.02 28.50 -15.28
CA THR A 41 -35.29 27.93 -15.73
C THR A 41 -36.26 27.62 -14.58
N LYS A 42 -35.80 26.85 -13.60
CA LYS A 42 -36.65 26.48 -12.47
C LYS A 42 -37.11 27.69 -11.65
N VAL A 43 -36.19 28.62 -11.39
CA VAL A 43 -36.54 29.86 -10.71
C VAL A 43 -37.60 30.63 -11.51
N GLN A 44 -37.37 30.75 -12.81
CA GLN A 44 -38.33 31.40 -13.69
C GLN A 44 -39.74 30.76 -13.63
N GLN A 45 -39.80 29.43 -13.68
CA GLN A 45 -41.08 28.72 -13.60
C GLN A 45 -41.85 29.08 -12.35
N ILE A 46 -41.14 29.06 -11.22
CA ILE A 46 -41.73 29.39 -9.93
C ILE A 46 -42.16 30.86 -9.86
N ARG A 47 -41.31 31.77 -10.33
CA ARG A 47 -41.68 33.19 -10.38
C ARG A 47 -42.94 33.45 -11.23
N ARG A 48 -43.13 32.65 -12.27
CA ARG A 48 -44.35 32.70 -13.08
C ARG A 48 -45.56 32.31 -12.27
N ALA A 49 -45.37 31.35 -11.35
CA ALA A 49 -46.48 30.75 -10.65
C ALA A 49 -46.85 31.43 -9.33
N GLU A 50 -45.85 31.83 -8.54
CA GLU A 50 -46.11 32.35 -7.19
C GLU A 50 -45.86 33.86 -7.13
N PRO A 51 -46.68 34.57 -6.35
CA PRO A 51 -46.60 36.04 -6.32
C PRO A 51 -45.46 36.56 -5.42
N ASN A 52 -45.18 35.85 -4.33
CA ASN A 52 -44.21 36.33 -3.36
C ASN A 52 -42.98 35.42 -3.27
N VAL A 53 -41.98 35.71 -4.07
CA VAL A 53 -40.81 34.83 -4.18
C VAL A 53 -39.51 35.53 -3.73
N LEU A 54 -38.74 34.83 -2.89
CA LEU A 54 -37.38 35.26 -2.58
C LEU A 54 -36.39 34.19 -3.02
N LEU A 55 -35.29 34.59 -3.62
CA LEU A 55 -34.21 33.68 -3.97
C LEU A 55 -32.97 34.03 -3.17
N LEU A 56 -32.59 33.14 -2.25
CA LEU A 56 -31.53 33.41 -1.28
C LEU A 56 -30.34 32.46 -1.43
N ASP A 57 -29.15 32.94 -1.09
CA ASP A 57 -27.99 32.06 -1.07
C ASP A 57 -27.33 32.08 0.32
N ALA A 58 -27.04 30.91 0.85
CA ALA A 58 -26.50 30.82 2.20
C ALA A 58 -24.98 30.63 2.22
N GLY A 59 -24.31 31.15 1.20
CA GLY A 59 -22.85 31.21 1.21
C GLY A 59 -22.10 30.12 0.46
N ASP A 60 -20.77 30.26 0.41
CA ASP A 60 -19.91 29.29 -0.25
C ASP A 60 -20.18 29.13 -1.75
N GLN A 61 -20.45 30.25 -2.41
CA GLN A 61 -20.40 30.32 -3.87
C GLN A 61 -18.93 30.18 -4.33
N TYR A 62 -18.01 30.83 -3.61
CA TYR A 62 -16.59 30.84 -3.95
C TYR A 62 -15.98 29.45 -3.91
N GLN A 63 -15.08 29.19 -4.85
CA GLN A 63 -14.15 28.05 -4.80
C GLN A 63 -14.73 26.71 -5.22
N GLY A 64 -14.12 26.08 -6.21
CA GLY A 64 -14.47 24.71 -6.52
C GLY A 64 -14.19 24.18 -7.92
N THR A 65 -14.02 25.07 -8.89
CA THR A 65 -13.72 24.64 -10.26
C THR A 65 -12.83 25.70 -10.88
N ILE A 66 -12.32 25.43 -12.08
CA ILE A 66 -11.48 26.41 -12.75
C ILE A 66 -12.21 27.71 -13.06
N TRP A 67 -13.53 27.67 -13.04
CA TRP A 67 -14.31 28.90 -13.20
C TRP A 67 -13.85 29.92 -12.18
N PHE A 68 -13.71 29.47 -10.93
CA PHE A 68 -13.31 30.37 -9.86
C PHE A 68 -11.79 30.61 -9.85
N THR A 69 -11.02 29.58 -10.20
CA THR A 69 -9.57 29.72 -10.32
C THR A 69 -9.24 30.88 -11.25
N VAL A 70 -9.97 30.97 -12.36
CA VAL A 70 -9.69 31.92 -13.42
C VAL A 70 -10.39 33.27 -13.24
N TYR A 71 -11.70 33.26 -13.02
CA TYR A 71 -12.47 34.52 -12.93
C TYR A 71 -12.58 35.10 -11.53
N LYS A 72 -12.16 34.34 -10.53
CA LYS A 72 -11.95 34.83 -9.15
C LYS A 72 -13.15 35.49 -8.48
N GLY A 73 -14.35 35.09 -8.87
CA GLY A 73 -15.54 35.63 -8.23
C GLY A 73 -16.33 36.55 -9.15
N ALA A 74 -15.69 36.99 -10.23
CA ALA A 74 -16.39 37.84 -11.19
C ALA A 74 -17.51 37.02 -11.82
N GLU A 75 -17.28 35.72 -11.99
CA GLU A 75 -18.30 34.81 -12.52
C GLU A 75 -19.46 34.68 -11.52
N VAL A 76 -19.13 34.72 -10.23
CA VAL A 76 -20.14 34.63 -9.19
C VAL A 76 -21.11 35.84 -9.25
N ALA A 77 -20.57 37.04 -9.13
CA ALA A 77 -21.40 38.25 -9.21
C ALA A 77 -22.21 38.30 -10.51
N HIS A 78 -21.56 37.99 -11.63
CA HIS A 78 -22.24 38.03 -12.92
C HIS A 78 -23.47 37.11 -12.97
N PHE A 79 -23.28 35.83 -12.68
CA PHE A 79 -24.39 34.88 -12.77
C PHE A 79 -25.42 34.97 -11.62
N MET A 80 -24.98 35.35 -10.43
CA MET A 80 -25.94 35.60 -9.35
C MET A 80 -26.82 36.78 -9.72
N ASN A 81 -26.21 37.81 -10.33
CA ASN A 81 -26.96 38.97 -10.82
C ASN A 81 -27.97 38.57 -11.90
N ALA A 82 -27.54 37.73 -12.83
CA ALA A 82 -28.40 37.24 -13.90
C ALA A 82 -29.57 36.42 -13.38
N LEU A 83 -29.35 35.72 -12.27
CA LEU A 83 -30.41 34.91 -11.66
C LEU A 83 -31.29 35.78 -10.78
N ARG A 84 -30.87 37.02 -10.58
CA ARG A 84 -31.56 37.96 -9.73
C ARG A 84 -31.79 37.42 -8.31
N TYR A 85 -30.72 36.94 -7.68
CA TYR A 85 -30.76 36.65 -6.26
C TYR A 85 -31.20 37.89 -5.46
N ASP A 86 -31.93 37.66 -4.37
CA ASP A 86 -32.43 38.75 -3.54
C ASP A 86 -31.50 39.09 -2.38
N ALA A 87 -30.72 38.11 -1.92
CA ALA A 87 -29.78 38.33 -0.82
C ALA A 87 -28.81 37.16 -0.73
N MET A 88 -27.65 37.39 -0.13
CA MET A 88 -26.69 36.31 0.10
C MET A 88 -26.05 36.53 1.47
N ALA A 89 -25.84 35.46 2.22
CA ALA A 89 -25.00 35.52 3.41
C ALA A 89 -23.59 35.08 3.03
N LEU A 90 -22.58 35.68 3.66
CA LEU A 90 -21.19 35.29 3.45
C LEU A 90 -20.90 33.92 4.06
N GLY A 91 -20.21 33.08 3.30
CA GLY A 91 -19.72 31.81 3.82
C GLY A 91 -18.21 31.90 4.04
N ASN A 92 -17.62 30.86 4.62
CA ASN A 92 -16.20 30.93 4.94
C ASN A 92 -15.35 31.02 3.68
N HIS A 93 -15.77 30.35 2.61
CA HIS A 93 -14.96 30.30 1.41
C HIS A 93 -14.95 31.61 0.64
N GLU A 94 -15.91 32.49 0.91
CA GLU A 94 -15.89 33.84 0.36
C GLU A 94 -14.66 34.65 0.81
N PHE A 95 -13.95 34.17 1.83
CA PHE A 95 -12.76 34.84 2.34
C PHE A 95 -11.46 34.19 1.90
N ASP A 96 -11.56 33.22 0.99
CA ASP A 96 -10.41 32.43 0.55
C ASP A 96 -9.32 33.24 -0.16
N ASN A 97 -9.72 34.31 -0.84
CA ASN A 97 -8.76 35.19 -1.50
C ASN A 97 -8.55 36.49 -0.74
N GLY A 98 -8.72 36.43 0.59
CA GLY A 98 -8.61 37.59 1.45
C GLY A 98 -9.82 38.51 1.33
N VAL A 99 -9.84 39.57 2.13
CA VAL A 99 -10.91 40.56 2.03
C VAL A 99 -10.85 41.25 0.67
N GLU A 100 -9.64 41.43 0.18
CA GLU A 100 -9.41 42.07 -1.10
C GLU A 100 -10.05 41.26 -2.23
N GLY A 101 -10.01 39.94 -2.11
CA GLY A 101 -10.64 39.06 -3.09
C GLY A 101 -12.14 38.88 -2.93
N LEU A 102 -12.70 39.48 -1.87
CA LEU A 102 -14.13 39.46 -1.59
C LEU A 102 -14.76 40.80 -2.00
N ILE A 103 -14.13 41.88 -1.56
CA ILE A 103 -14.58 43.23 -1.89
C ILE A 103 -14.62 43.47 -3.40
N GLU A 104 -13.52 43.21 -4.10
CA GLU A 104 -13.41 43.65 -5.48
C GLU A 104 -14.22 42.84 -6.49
N PRO A 105 -14.05 41.52 -6.48
CA PRO A 105 -14.91 40.84 -7.46
C PRO A 105 -16.38 40.79 -7.04
N LEU A 106 -16.68 40.66 -5.76
CA LEU A 106 -18.05 40.33 -5.34
C LEU A 106 -18.85 41.46 -4.68
N LEU A 107 -18.29 42.07 -3.63
CA LEU A 107 -19.05 43.10 -2.91
C LEU A 107 -19.34 44.33 -3.77
N LYS A 108 -18.42 44.70 -4.66
CA LYS A 108 -18.58 45.85 -5.53
C LYS A 108 -19.51 45.57 -6.70
N GLU A 109 -19.64 44.31 -7.08
CA GLU A 109 -20.38 44.00 -8.29
C GLU A 109 -21.79 43.47 -8.07
N ALA A 110 -22.05 42.89 -6.90
CA ALA A 110 -23.36 42.28 -6.62
C ALA A 110 -24.48 43.32 -6.68
N LYS A 111 -25.57 42.98 -7.34
CA LYS A 111 -26.74 43.88 -7.37
C LYS A 111 -27.77 43.56 -6.27
N PHE A 112 -27.35 42.81 -5.25
CA PHE A 112 -28.23 42.39 -4.17
C PHE A 112 -27.43 42.49 -2.90
N PRO A 113 -28.09 42.63 -1.74
CA PRO A 113 -27.36 42.76 -0.48
C PRO A 113 -26.61 41.50 -0.09
N ILE A 114 -25.44 41.70 0.51
CA ILE A 114 -24.66 40.58 1.00
C ILE A 114 -24.53 40.76 2.50
N LEU A 115 -24.83 39.71 3.25
CA LEU A 115 -25.14 39.86 4.67
C LEU A 115 -24.26 39.05 5.60
N SER A 116 -23.93 39.64 6.75
CA SER A 116 -23.42 38.90 7.91
C SER A 116 -23.40 39.81 9.13
N ALA A 117 -24.20 39.47 10.13
CA ALA A 117 -24.30 40.29 11.34
C ALA A 117 -23.18 40.04 12.36
N ASN A 118 -22.44 38.95 12.22
CA ASN A 118 -21.43 38.62 13.24
C ASN A 118 -19.98 38.84 12.81
N ILE A 119 -19.79 39.47 11.66
CA ILE A 119 -18.45 39.84 11.23
C ILE A 119 -18.23 41.33 11.49
N LYS A 120 -17.21 41.66 12.26
CA LYS A 120 -16.95 43.06 12.62
C LYS A 120 -15.57 43.49 12.13
N ALA A 121 -15.55 44.57 11.36
CA ALA A 121 -14.30 45.14 10.87
C ALA A 121 -13.64 45.96 11.96
N LYS A 122 -12.31 46.03 11.93
CA LYS A 122 -11.55 46.75 12.93
C LYS A 122 -10.28 47.37 12.36
N GLY A 123 -9.87 48.51 12.91
CA GLY A 123 -8.71 49.22 12.39
C GLY A 123 -9.09 49.97 11.15
N PRO A 124 -8.14 50.15 10.22
CA PRO A 124 -8.40 50.94 9.03
C PRO A 124 -9.47 50.31 8.14
N LEU A 125 -9.51 48.98 8.09
CA LEU A 125 -10.43 48.23 7.25
C LEU A 125 -11.89 48.61 7.47
N ALA A 126 -12.23 49.01 8.69
CA ALA A 126 -13.61 49.36 9.05
C ALA A 126 -14.28 50.36 8.11
N SER A 127 -13.59 51.47 7.84
CA SER A 127 -14.15 52.50 6.96
C SER A 127 -14.01 52.14 5.47
N GLN A 128 -13.10 51.22 5.15
CA GLN A 128 -12.95 50.73 3.78
C GLN A 128 -14.12 49.86 3.36
N ILE A 129 -14.56 48.98 4.26
CA ILE A 129 -15.55 47.97 3.92
C ILE A 129 -16.93 48.31 4.51
N SER A 130 -17.03 49.48 5.13
CA SER A 130 -18.30 49.98 5.64
C SER A 130 -19.37 49.92 4.56
N GLY A 131 -20.53 49.37 4.90
CA GLY A 131 -21.65 49.31 3.97
C GLY A 131 -21.56 48.30 2.83
N LEU A 132 -20.39 47.74 2.58
CA LEU A 132 -20.24 46.79 1.47
C LEU A 132 -20.93 45.45 1.74
N TYR A 133 -21.02 45.08 3.01
CA TYR A 133 -21.92 44.01 3.44
C TYR A 133 -22.65 44.56 4.66
N LEU A 134 -23.82 44.00 4.96
CA LEU A 134 -24.73 44.52 5.98
C LEU A 134 -25.09 43.43 6.98
N PRO A 135 -25.52 43.81 8.19
CA PRO A 135 -25.93 42.78 9.15
C PRO A 135 -27.31 42.23 8.79
N TYR A 136 -28.16 43.10 8.24
CA TYR A 136 -29.45 42.67 7.74
C TYR A 136 -29.88 43.52 6.54
N LYS A 137 -30.99 43.15 5.92
CA LYS A 137 -31.60 43.96 4.89
C LYS A 137 -33.11 43.74 4.93
N VAL A 138 -33.86 44.83 4.79
CA VAL A 138 -35.32 44.78 4.75
C VAL A 138 -35.75 44.83 3.29
N LEU A 139 -36.45 43.80 2.84
CA LEU A 139 -36.79 43.66 1.43
C LEU A 139 -38.28 43.74 1.22
N PRO A 140 -38.72 44.55 0.23
CA PRO A 140 -40.12 44.54 -0.15
C PRO A 140 -40.44 43.27 -0.90
N VAL A 141 -41.53 42.63 -0.51
CA VAL A 141 -42.07 41.47 -1.20
C VAL A 141 -43.57 41.72 -1.27
N GLY A 142 -44.07 42.03 -2.45
CA GLY A 142 -45.45 42.46 -2.62
C GLY A 142 -45.69 43.73 -1.83
N ASP A 143 -46.81 43.77 -1.09
CA ASP A 143 -47.14 44.89 -0.23
C ASP A 143 -46.53 44.73 1.16
N GLU A 144 -45.78 43.65 1.37
CA GLU A 144 -45.17 43.38 2.66
C GLU A 144 -43.67 43.69 2.62
N VAL A 145 -43.03 43.60 3.79
CA VAL A 145 -41.58 43.61 3.86
C VAL A 145 -41.14 42.39 4.63
N VAL A 146 -39.93 41.93 4.35
CA VAL A 146 -39.37 40.78 5.02
C VAL A 146 -37.96 41.16 5.42
N GLY A 147 -37.63 40.96 6.68
CA GLY A 147 -36.28 41.20 7.15
C GLY A 147 -35.42 39.96 6.96
N ILE A 148 -34.23 40.16 6.40
CA ILE A 148 -33.25 39.08 6.28
C ILE A 148 -31.97 39.43 7.04
N VAL A 149 -31.61 38.59 8.01
CA VAL A 149 -30.44 38.80 8.83
C VAL A 149 -29.37 37.70 8.58
N GLY A 150 -28.12 38.12 8.44
CA GLY A 150 -27.08 37.21 8.00
C GLY A 150 -26.12 36.75 9.09
N TYR A 151 -25.49 35.61 8.87
CA TYR A 151 -24.46 35.12 9.79
C TYR A 151 -23.44 34.24 9.08
N THR A 152 -22.25 34.16 9.67
CA THR A 152 -21.15 33.41 9.09
C THR A 152 -20.43 32.65 10.21
N SER A 153 -19.98 31.45 9.87
CA SER A 153 -19.35 30.58 10.86
C SER A 153 -18.27 31.29 11.66
N LYS A 154 -18.40 31.19 12.97
CA LYS A 154 -17.41 31.62 13.93
C LYS A 154 -16.01 31.06 13.61
N GLU A 155 -15.94 29.91 12.95
CA GLU A 155 -14.67 29.23 12.69
C GLU A 155 -13.90 29.73 11.48
N THR A 156 -14.48 30.69 10.77
CA THR A 156 -13.87 31.18 9.53
C THR A 156 -12.37 31.52 9.58
N PRO A 157 -11.90 32.15 10.67
CA PRO A 157 -10.44 32.40 10.69
C PRO A 157 -9.60 31.12 10.61
N PHE A 158 -10.16 29.99 10.99
CA PHE A 158 -9.44 28.72 10.92
C PHE A 158 -9.76 27.95 9.65
N LEU A 159 -10.68 28.46 8.84
CA LEU A 159 -11.13 27.78 7.64
C LEU A 159 -10.63 28.48 6.39
N SER A 160 -10.47 29.80 6.50
CA SER A 160 -10.20 30.60 5.32
C SER A 160 -9.18 31.70 5.66
N ASN A 161 -9.12 32.74 4.83
CA ASN A 161 -8.13 33.81 4.99
C ASN A 161 -8.74 35.19 5.16
N PRO A 162 -9.53 35.39 6.23
CA PRO A 162 -10.16 36.70 6.34
C PRO A 162 -9.22 37.79 6.87
N GLY A 163 -8.02 37.41 7.29
CA GLY A 163 -7.08 38.40 7.80
C GLY A 163 -7.39 38.79 9.23
N THR A 164 -6.52 39.60 9.82
CA THR A 164 -6.60 39.93 11.23
C THR A 164 -7.50 41.12 11.57
N ASN A 165 -7.96 41.85 10.55
CA ASN A 165 -8.80 43.02 10.77
C ASN A 165 -10.30 42.72 10.81
N LEU A 166 -10.66 41.45 10.73
CA LEU A 166 -12.05 41.04 10.85
C LEU A 166 -12.20 40.18 12.07
N VAL A 167 -13.21 40.49 12.87
CA VAL A 167 -13.54 39.74 14.07
C VAL A 167 -14.84 38.98 13.84
N PHE A 168 -14.80 37.68 14.11
CA PHE A 168 -15.97 36.82 13.97
C PHE A 168 -16.59 36.51 15.34
N GLU A 169 -17.75 37.11 15.61
CA GLU A 169 -18.40 36.92 16.90
C GLU A 169 -19.31 35.71 16.90
N ASP A 170 -19.76 35.33 18.10
CA ASP A 170 -20.71 34.24 18.26
C ASP A 170 -22.00 34.61 17.53
N GLU A 171 -22.54 33.65 16.76
CA GLU A 171 -23.68 33.94 15.91
C GLU A 171 -24.90 34.44 16.68
N ILE A 172 -25.27 33.71 17.73
CA ILE A 172 -26.49 34.01 18.44
C ILE A 172 -26.44 35.39 19.08
N THR A 173 -25.31 35.67 19.72
CA THR A 173 -25.12 36.93 20.41
C THR A 173 -25.19 38.06 19.42
N ALA A 174 -24.59 37.86 18.26
CA ALA A 174 -24.51 38.92 17.26
C ALA A 174 -25.85 39.11 16.54
N LEU A 175 -26.65 38.06 16.47
CA LEU A 175 -27.92 38.11 15.76
C LEU A 175 -29.05 38.76 16.55
N GLN A 176 -29.17 38.40 17.82
CA GLN A 176 -30.30 38.88 18.63
C GLN A 176 -30.52 40.41 18.65
N PRO A 177 -29.45 41.21 18.76
CA PRO A 177 -29.71 42.65 18.72
C PRO A 177 -30.26 43.11 17.38
N GLU A 178 -29.77 42.51 16.28
CA GLU A 178 -30.24 42.87 14.95
C GLU A 178 -31.70 42.47 14.76
N VAL A 179 -32.05 41.29 15.24
CA VAL A 179 -33.42 40.87 15.14
C VAL A 179 -34.32 41.79 15.96
N ASP A 180 -33.83 42.22 17.12
CA ASP A 180 -34.57 43.17 17.96
C ASP A 180 -34.78 44.52 17.27
N LYS A 181 -33.74 45.03 16.61
CA LYS A 181 -33.84 46.30 15.90
C LYS A 181 -34.87 46.21 14.78
N LEU A 182 -34.92 45.07 14.10
CA LEU A 182 -35.90 44.88 13.04
C LEU A 182 -37.31 44.89 13.62
N LYS A 183 -37.47 44.28 14.79
CA LYS A 183 -38.77 44.21 15.43
C LYS A 183 -39.23 45.60 15.87
N THR A 184 -38.30 46.42 16.38
CA THR A 184 -38.65 47.80 16.70
C THR A 184 -39.00 48.57 15.43
N LEU A 185 -38.46 48.14 14.29
CA LEU A 185 -38.78 48.76 13.01
C LEU A 185 -40.07 48.22 12.42
N ASN A 186 -40.80 47.45 13.22
CA ASN A 186 -42.07 46.85 12.82
C ASN A 186 -41.91 45.94 11.59
N VAL A 187 -40.81 45.20 11.57
CA VAL A 187 -40.65 44.11 10.61
C VAL A 187 -41.04 42.82 11.32
N ASN A 188 -42.14 42.20 10.91
CA ASN A 188 -42.69 41.08 11.67
C ASN A 188 -42.40 39.71 11.06
N LYS A 189 -41.79 39.72 9.88
CA LYS A 189 -41.36 38.50 9.20
C LYS A 189 -39.85 38.52 9.02
N ILE A 190 -39.19 37.52 9.61
CA ILE A 190 -37.75 37.54 9.70
C ILE A 190 -37.10 36.20 9.35
N ILE A 191 -36.18 36.25 8.39
CA ILE A 191 -35.44 35.09 7.97
C ILE A 191 -33.99 35.25 8.38
N ALA A 192 -33.44 34.26 9.06
CA ALA A 192 -32.01 34.23 9.29
C ALA A 192 -31.36 33.39 8.22
N LEU A 193 -30.43 34.00 7.50
CA LEU A 193 -29.75 33.37 6.37
C LEU A 193 -28.28 33.36 6.71
N GLY A 194 -27.67 32.19 6.72
CA GLY A 194 -26.32 32.12 7.22
C GLY A 194 -25.55 30.86 6.91
N HIS A 195 -24.26 30.88 7.24
CA HIS A 195 -23.35 29.82 6.87
C HIS A 195 -22.55 29.29 8.07
N SER A 196 -23.22 28.56 8.96
CA SER A 196 -22.59 28.04 10.17
C SER A 196 -22.78 26.52 10.36
N GLY A 197 -23.66 25.91 9.56
CA GLY A 197 -23.89 24.48 9.69
C GLY A 197 -25.21 24.17 10.37
N PHE A 198 -25.68 22.95 10.16
CA PHE A 198 -27.02 22.54 10.58
C PHE A 198 -27.21 22.62 12.10
N GLU A 199 -26.19 22.23 12.86
CA GLU A 199 -26.28 22.27 14.31
C GLU A 199 -26.45 23.72 14.83
N MET A 200 -25.61 24.64 14.35
CA MET A 200 -25.78 26.04 14.70
C MET A 200 -27.11 26.60 14.18
N ASP A 201 -27.57 26.15 13.00
CA ASP A 201 -28.85 26.63 12.48
C ASP A 201 -30.01 26.31 13.43
N LYS A 202 -29.96 25.13 14.03
CA LYS A 202 -31.01 24.70 14.95
C LYS A 202 -30.93 25.49 16.25
N LEU A 203 -29.71 25.78 16.69
CA LEU A 203 -29.53 26.61 17.88
C LEU A 203 -30.07 28.02 17.67
N ILE A 204 -29.79 28.58 16.49
CA ILE A 204 -30.34 29.91 16.13
C ILE A 204 -31.86 29.90 16.13
N ALA A 205 -32.46 28.85 15.55
CA ALA A 205 -33.91 28.71 15.52
C ALA A 205 -34.49 28.65 16.93
N GLN A 206 -33.76 28.02 17.83
CA GLN A 206 -34.25 27.78 19.17
C GLN A 206 -34.05 29.01 20.07
N LYS A 207 -32.93 29.70 19.88
CA LYS A 207 -32.46 30.68 20.86
C LYS A 207 -32.65 32.16 20.46
N VAL A 208 -32.64 32.46 19.16
CA VAL A 208 -32.77 33.84 18.73
C VAL A 208 -34.23 34.26 18.55
N ARG A 209 -34.77 34.92 19.57
CA ARG A 209 -36.18 35.28 19.64
C ARG A 209 -36.58 36.14 18.45
N GLY A 210 -37.72 35.83 17.85
CA GLY A 210 -38.22 36.57 16.70
C GLY A 210 -37.84 36.05 15.31
N VAL A 211 -36.91 35.11 15.21
CA VAL A 211 -36.60 34.49 13.92
C VAL A 211 -37.71 33.54 13.48
N ASP A 212 -38.23 33.73 12.27
CA ASP A 212 -39.33 32.90 11.77
C ASP A 212 -38.88 31.64 11.03
N VAL A 213 -37.76 31.74 10.33
CA VAL A 213 -37.28 30.68 9.44
C VAL A 213 -35.77 30.80 9.44
N VAL A 214 -35.07 29.67 9.42
CA VAL A 214 -33.63 29.67 9.25
C VAL A 214 -33.25 28.99 7.94
N VAL A 215 -32.45 29.67 7.12
CA VAL A 215 -31.98 29.12 5.87
C VAL A 215 -30.46 29.00 5.95
N GLY A 216 -29.96 27.77 5.96
CA GLY A 216 -28.56 27.53 6.31
C GLY A 216 -27.71 26.90 5.22
N GLY A 217 -26.51 26.47 5.62
CA GLY A 217 -25.56 25.90 4.70
C GLY A 217 -24.40 25.30 5.47
N HIS A 218 -23.25 25.20 4.80
CA HIS A 218 -21.97 24.83 5.44
C HIS A 218 -21.81 23.32 5.68
N SER A 219 -22.84 22.68 6.21
CA SER A 219 -22.75 21.26 6.53
C SER A 219 -23.24 20.40 5.37
N ASN A 220 -23.59 21.06 4.25
CA ASN A 220 -24.08 20.35 3.06
C ASN A 220 -25.24 19.39 3.39
N THR A 221 -26.09 19.82 4.30
CA THR A 221 -27.17 18.99 4.80
C THR A 221 -28.28 18.79 3.76
N PHE A 222 -28.69 17.53 3.58
CA PHE A 222 -29.83 17.21 2.73
C PHE A 222 -31.03 16.89 3.61
N LEU A 223 -32.12 17.60 3.41
CA LEU A 223 -33.33 17.38 4.16
C LEU A 223 -34.43 17.07 3.16
N TYR A 224 -35.33 16.17 3.55
CA TYR A 224 -36.34 15.73 2.60
C TYR A 224 -37.55 15.15 3.31
N THR A 225 -38.72 15.42 2.76
CA THR A 225 -39.95 14.82 3.26
C THR A 225 -40.48 13.85 2.19
N GLY A 226 -40.55 12.58 2.56
CA GLY A 226 -40.94 11.54 1.62
C GLY A 226 -39.76 10.79 1.06
N ASN A 227 -39.98 10.12 -0.08
CA ASN A 227 -38.94 9.32 -0.70
C ASN A 227 -38.04 10.18 -1.57
N PRO A 228 -36.75 10.18 -1.25
CA PRO A 228 -35.77 11.04 -1.94
C PRO A 228 -35.54 10.65 -3.41
N PRO A 229 -35.29 11.66 -4.25
CA PRO A 229 -35.24 11.50 -5.71
C PRO A 229 -33.85 11.19 -6.26
N SER A 230 -32.85 11.08 -5.41
CA SER A 230 -31.50 10.81 -5.90
C SER A 230 -30.69 10.03 -4.86
N LYS A 231 -29.36 10.17 -4.90
CA LYS A 231 -28.50 9.36 -4.05
C LYS A 231 -28.32 9.92 -2.63
N GLU A 232 -28.56 11.22 -2.46
CA GLU A 232 -28.41 11.85 -1.15
C GLU A 232 -29.40 11.27 -0.14
N VAL A 233 -28.89 10.95 1.05
CA VAL A 233 -29.69 10.39 2.13
C VAL A 233 -30.06 11.49 3.13
N PRO A 234 -31.37 11.70 3.35
CA PRO A 234 -31.83 12.76 4.25
C PRO A 234 -31.36 12.61 5.70
N ALA A 235 -30.94 13.74 6.28
CA ALA A 235 -30.57 13.80 7.69
C ALA A 235 -31.82 14.07 8.53
N GLY A 236 -32.92 14.40 7.86
CA GLY A 236 -34.15 14.75 8.55
C GLY A 236 -35.19 15.22 7.56
N LYS A 237 -36.35 15.61 8.05
CA LYS A 237 -37.43 16.10 7.20
C LYS A 237 -37.17 17.51 6.68
N TYR A 238 -37.84 17.86 5.59
CA TYR A 238 -37.80 19.21 5.06
C TYR A 238 -39.19 19.81 5.16
N PRO A 239 -39.32 20.93 5.89
CA PRO A 239 -38.27 21.58 6.68
C PRO A 239 -38.02 20.83 7.97
N PHE A 240 -36.92 21.09 8.66
CA PHE A 240 -36.71 20.49 9.97
C PHE A 240 -37.30 21.47 10.99
N ILE A 241 -38.24 21.02 11.81
CA ILE A 241 -38.94 21.93 12.73
C ILE A 241 -38.24 21.99 14.10
N VAL A 242 -37.79 23.18 14.47
CA VAL A 242 -37.24 23.40 15.79
C VAL A 242 -38.31 24.08 16.66
N THR A 243 -38.47 23.62 17.89
CA THR A 243 -39.33 24.32 18.84
C THR A 243 -38.52 25.36 19.62
N SER A 244 -38.78 26.63 19.34
CA SER A 244 -37.99 27.71 19.94
C SER A 244 -38.23 27.86 21.44
N ASP A 245 -37.24 28.43 22.14
CA ASP A 245 -37.38 28.73 23.56
C ASP A 245 -38.60 29.62 23.84
N ASP A 246 -38.95 30.51 22.92
CA ASP A 246 -40.14 31.31 23.14
C ASP A 246 -41.43 30.66 22.59
N GLY A 247 -41.37 29.35 22.38
CA GLY A 247 -42.55 28.56 22.06
C GLY A 247 -43.12 28.61 20.65
N ARG A 248 -42.29 28.89 19.65
CA ARG A 248 -42.76 28.90 18.27
C ARG A 248 -42.17 27.72 17.50
N LYS A 249 -42.87 27.29 16.45
CA LYS A 249 -42.35 26.27 15.54
C LYS A 249 -41.55 26.94 14.42
N VAL A 250 -40.24 26.69 14.40
CA VAL A 250 -39.35 27.37 13.46
C VAL A 250 -38.75 26.40 12.45
N PRO A 251 -39.13 26.53 11.19
CA PRO A 251 -38.56 25.66 10.15
C PRO A 251 -37.09 25.97 9.86
N VAL A 252 -36.29 24.93 9.70
CA VAL A 252 -34.88 25.07 9.41
C VAL A 252 -34.63 24.31 8.12
N VAL A 253 -34.08 24.99 7.13
CA VAL A 253 -33.84 24.37 5.84
C VAL A 253 -32.40 24.52 5.37
N GLN A 254 -32.02 23.60 4.51
CA GLN A 254 -30.75 23.63 3.84
C GLN A 254 -31.01 22.86 2.54
N ALA A 255 -30.11 22.97 1.57
CA ALA A 255 -30.33 22.32 0.28
C ALA A 255 -29.08 21.62 -0.30
N TYR A 256 -28.48 20.76 0.51
CA TYR A 256 -27.33 19.95 0.09
C TYR A 256 -26.17 20.86 -0.37
N ALA A 257 -25.76 20.76 -1.63
CA ALA A 257 -24.60 21.53 -2.11
C ALA A 257 -24.47 21.40 -3.62
N PHE A 258 -23.52 22.17 -4.17
CA PHE A 258 -23.09 22.03 -5.58
C PHE A 258 -24.17 22.34 -6.63
N GLY A 259 -25.24 23.01 -6.21
CA GLY A 259 -26.28 23.41 -7.13
C GLY A 259 -27.13 22.28 -7.68
N LYS A 260 -27.05 21.11 -7.05
CA LYS A 260 -27.79 19.95 -7.53
C LYS A 260 -29.28 20.11 -7.29
N TYR A 261 -29.64 20.74 -6.17
CA TYR A 261 -31.04 20.99 -5.82
C TYR A 261 -31.31 22.47 -5.62
N LEU A 262 -32.55 22.89 -5.91
CA LEU A 262 -33.04 24.19 -5.48
C LEU A 262 -33.94 24.04 -4.26
N GLY A 263 -33.55 24.64 -3.14
CA GLY A 263 -34.38 24.63 -1.96
C GLY A 263 -35.70 25.33 -2.26
N TYR A 264 -36.81 24.82 -1.71
CA TYR A 264 -38.16 25.35 -1.99
C TYR A 264 -39.06 25.19 -0.77
N LEU A 265 -39.34 26.30 -0.11
CA LEU A 265 -40.12 26.30 1.13
C LEU A 265 -41.22 27.35 1.05
N LYS A 266 -42.48 26.90 1.14
CA LYS A 266 -43.62 27.80 1.15
C LYS A 266 -44.06 28.04 2.58
N ILE A 267 -44.09 29.31 3.00
CA ILE A 267 -44.48 29.65 4.37
C ILE A 267 -45.79 30.41 4.39
N GLU A 268 -46.70 29.99 5.26
CA GLU A 268 -47.95 30.70 5.44
C GLU A 268 -47.86 31.56 6.69
N PHE A 269 -47.99 32.87 6.52
CA PHE A 269 -47.96 33.82 7.63
C PHE A 269 -49.37 34.36 7.88
N ASP A 270 -49.66 34.78 9.11
CA ASP A 270 -50.84 35.59 9.34
C ASP A 270 -50.47 37.06 9.21
N GLU A 271 -51.45 37.95 9.40
CA GLU A 271 -51.16 39.37 9.18
C GLU A 271 -50.20 39.98 10.21
N ARG A 272 -50.06 39.35 11.37
CA ARG A 272 -49.08 39.80 12.36
C ARG A 272 -47.69 39.19 12.14
N GLY A 273 -47.52 38.39 11.10
CA GLY A 273 -46.21 37.81 10.83
C GLY A 273 -45.87 36.51 11.53
N ASN A 274 -46.87 35.85 12.14
CA ASN A 274 -46.60 34.57 12.77
C ASN A 274 -46.73 33.47 11.75
N VAL A 275 -45.83 32.50 11.81
CA VAL A 275 -45.88 31.36 10.91
C VAL A 275 -47.06 30.45 11.24
N ILE A 276 -47.95 30.26 10.27
CA ILE A 276 -49.09 29.36 10.46
C ILE A 276 -48.72 27.95 10.03
N SER A 277 -48.08 27.84 8.87
CA SER A 277 -47.57 26.56 8.40
C SER A 277 -46.42 26.73 7.40
N SER A 278 -45.64 25.68 7.22
CA SER A 278 -44.63 25.65 6.15
C SER A 278 -44.52 24.25 5.60
N HIS A 279 -44.24 24.17 4.30
CA HIS A 279 -44.01 22.90 3.65
C HIS A 279 -43.24 23.09 2.34
N GLY A 280 -42.58 22.04 1.89
CA GLY A 280 -41.86 22.08 0.63
C GLY A 280 -40.95 20.88 0.48
N ASN A 281 -39.95 21.02 -0.38
CA ASN A 281 -38.90 20.03 -0.59
C ASN A 281 -37.89 20.62 -1.54
N PRO A 282 -36.61 20.19 -1.42
CA PRO A 282 -35.65 20.63 -2.42
C PRO A 282 -36.03 20.02 -3.76
N ILE A 283 -35.86 20.78 -4.84
CA ILE A 283 -36.17 20.32 -6.18
C ILE A 283 -34.89 19.82 -6.88
N LEU A 284 -34.88 18.56 -7.28
CA LEU A 284 -33.75 18.01 -8.01
C LEU A 284 -33.63 18.69 -9.37
N LEU A 285 -32.49 19.29 -9.64
CA LEU A 285 -32.32 19.96 -10.90
C LEU A 285 -31.77 18.98 -11.94
N ASN A 286 -32.60 18.01 -12.32
CA ASN A 286 -32.23 16.95 -13.28
C ASN A 286 -32.53 17.36 -14.73
N SER A 287 -32.25 16.46 -15.69
CA SER A 287 -32.35 16.84 -17.09
C SER A 287 -33.78 17.07 -17.57
N SER A 288 -34.77 16.82 -16.72
CA SER A 288 -36.16 17.13 -17.05
C SER A 288 -36.41 18.63 -17.15
N ILE A 289 -35.49 19.43 -16.61
CA ILE A 289 -35.60 20.88 -16.66
C ILE A 289 -34.60 21.40 -17.69
N PRO A 290 -35.10 22.08 -18.73
CA PRO A 290 -34.13 22.51 -19.73
C PRO A 290 -33.26 23.64 -19.23
N GLU A 291 -32.04 23.75 -19.76
CA GLU A 291 -31.15 24.85 -19.46
C GLU A 291 -31.61 26.07 -20.22
N ASP A 292 -31.67 27.21 -19.55
CA ASP A 292 -32.05 28.44 -20.21
C ASP A 292 -31.08 28.82 -21.32
N PRO A 293 -31.59 29.02 -22.55
CA PRO A 293 -30.74 29.36 -23.71
C PRO A 293 -29.86 30.57 -23.52
N SER A 294 -30.40 31.68 -23.00
CA SER A 294 -29.59 32.88 -22.81
C SER A 294 -28.49 32.69 -21.79
N ILE A 295 -28.83 32.15 -20.62
CA ILE A 295 -27.79 31.86 -19.62
C ILE A 295 -26.74 30.90 -20.20
N LYS A 296 -27.20 29.81 -20.82
CA LYS A 296 -26.31 28.81 -21.40
C LYS A 296 -25.35 29.43 -22.42
N ALA A 297 -25.85 30.37 -23.22
CA ALA A 297 -25.03 31.00 -24.25
C ALA A 297 -23.97 31.86 -23.58
N ASP A 298 -24.36 32.52 -22.50
CA ASP A 298 -23.45 33.32 -21.69
C ASP A 298 -22.37 32.41 -21.07
N ILE A 299 -22.80 31.26 -20.55
CA ILE A 299 -21.90 30.26 -19.98
C ILE A 299 -20.89 29.79 -21.03
N ASN A 300 -21.40 29.43 -22.22
CA ASN A 300 -20.56 28.98 -23.32
C ASN A 300 -19.57 30.05 -23.76
N LYS A 301 -19.98 31.31 -23.67
CA LYS A 301 -19.13 32.44 -23.98
C LYS A 301 -17.94 32.51 -23.03
N TRP A 302 -18.23 32.44 -21.74
CA TRP A 302 -17.19 32.51 -20.71
C TRP A 302 -16.37 31.22 -20.64
N ARG A 303 -16.91 30.13 -21.20
CA ARG A 303 -16.28 28.82 -21.10
C ARG A 303 -15.07 28.72 -22.03
N ILE A 304 -15.01 29.63 -23.00
CA ILE A 304 -13.93 29.61 -23.99
C ILE A 304 -12.55 29.79 -23.35
N LYS A 305 -12.43 30.81 -22.52
CA LYS A 305 -11.18 31.10 -21.81
C LYS A 305 -10.68 29.92 -20.96
N LEU A 306 -11.60 29.03 -20.59
CA LEU A 306 -11.26 27.96 -19.67
C LEU A 306 -10.75 26.70 -20.35
N ASP A 307 -11.08 26.56 -21.63
CA ASP A 307 -10.84 25.30 -22.35
C ASP A 307 -9.39 24.82 -22.38
N ASN A 308 -8.45 25.76 -22.25
CA ASN A 308 -7.03 25.47 -22.12
C ASN A 308 -6.75 24.26 -21.23
N TYR A 309 -7.19 24.36 -19.98
CA TYR A 309 -7.09 23.29 -18.99
C TYR A 309 -7.77 22.02 -19.50
N GLN A 312 -5.34 19.14 -21.79
CA GLN A 312 -4.26 18.16 -21.83
C GLN A 312 -4.39 17.06 -20.75
N GLU A 313 -4.11 15.82 -21.15
CA GLU A 313 -4.28 14.64 -20.30
C GLU A 313 -3.04 14.34 -19.42
N LEU A 314 -3.26 14.31 -18.12
CA LEU A 314 -2.18 14.10 -17.14
C LEU A 314 -1.83 12.64 -16.97
N GLY A 315 -2.82 11.78 -17.16
CA GLY A 315 -2.64 10.37 -16.88
C GLY A 315 -4.00 9.70 -16.87
N LYS A 316 -4.05 8.48 -16.37
CA LYS A 316 -5.27 7.69 -16.44
C LYS A 316 -5.57 7.01 -15.09
N THR A 317 -6.84 7.01 -14.70
CA THR A 317 -7.25 6.20 -13.55
C THR A 317 -8.16 5.08 -14.03
N ILE A 318 -8.00 3.90 -13.44
CA ILE A 318 -8.86 2.78 -13.76
C ILE A 318 -9.82 2.48 -12.63
N VAL A 319 -9.84 3.35 -11.64
CA VAL A 319 -10.81 3.25 -10.56
C VAL A 319 -11.48 4.60 -10.36
N TYR A 320 -12.69 4.58 -9.80
CA TYR A 320 -13.35 5.81 -9.40
C TYR A 320 -12.52 6.47 -8.29
N LEU A 321 -12.16 7.74 -8.47
CA LEU A 321 -11.46 8.47 -7.42
C LEU A 321 -12.47 9.20 -6.56
N ASP A 322 -12.81 8.56 -5.45
CA ASP A 322 -13.82 9.04 -4.54
C ASP A 322 -13.30 10.19 -3.66
N GLY A 323 -13.45 11.42 -4.13
CA GLY A 323 -13.12 12.59 -3.35
C GLY A 323 -14.37 13.35 -2.90
N SER A 324 -15.49 12.63 -2.75
CA SER A 324 -16.71 13.21 -2.18
C SER A 324 -16.57 13.47 -0.69
N SER A 325 -17.19 14.53 -0.22
CA SER A 325 -17.18 14.89 1.19
C SER A 325 -17.88 13.82 2.05
N GLN A 326 -18.92 13.18 1.49
CA GLN A 326 -19.63 12.15 2.25
C GLN A 326 -18.74 10.96 2.57
N SER A 327 -17.71 10.75 1.74
CA SER A 327 -16.69 9.76 2.03
C SER A 327 -15.52 10.34 2.83
N CYS A 328 -14.82 11.33 2.25
CA CYS A 328 -13.56 11.80 2.83
C CYS A 328 -13.67 12.55 4.16
N ARG A 329 -14.86 12.98 4.53
CA ARG A 329 -15.07 13.57 5.85
C ARG A 329 -15.61 12.58 6.88
N PHE A 330 -15.76 11.31 6.48
CA PHE A 330 -16.39 10.31 7.34
C PHE A 330 -15.60 9.02 7.50
N ARG A 331 -14.82 8.67 6.49
CA ARG A 331 -14.08 7.43 6.49
C ARG A 331 -12.93 7.49 5.50
N GLU A 332 -12.09 6.44 5.51
CA GLU A 332 -11.04 6.28 4.52
C GLU A 332 -11.59 6.40 3.10
N CYS A 333 -11.01 7.27 2.29
CA CYS A 333 -11.46 7.42 0.91
C CYS A 333 -10.27 7.32 -0.02
N ASN A 334 -10.44 6.67 -1.16
CA ASN A 334 -9.29 6.40 -2.01
C ASN A 334 -8.62 7.64 -2.60
N MET A 335 -9.36 8.76 -2.73
CA MET A 335 -8.75 10.00 -3.22
C MET A 335 -7.77 10.52 -2.19
N GLY A 336 -8.12 10.33 -0.92
CA GLY A 336 -7.28 10.74 0.18
C GLY A 336 -5.99 9.94 0.18
N ASN A 337 -6.10 8.64 -0.07
CA ASN A 337 -4.94 7.76 -0.09
C ASN A 337 -4.01 8.15 -1.22
N LEU A 338 -4.59 8.44 -2.38
CA LEU A 338 -3.85 8.84 -3.57
C LEU A 338 -3.03 10.10 -3.29
N ILE A 339 -3.67 11.07 -2.65
CA ILE A 339 -2.99 12.33 -2.40
C ILE A 339 -1.88 12.19 -1.35
N CYS A 340 -2.14 11.47 -0.27
CA CYS A 340 -1.08 11.16 0.69
C CYS A 340 0.06 10.38 0.03
N ASP A 341 -0.27 9.38 -0.78
CA ASP A 341 0.77 8.62 -1.44
C ASP A 341 1.60 9.49 -2.39
N ALA A 342 0.94 10.42 -3.07
CA ALA A 342 1.61 11.41 -3.91
C ALA A 342 2.52 12.35 -3.13
N MET A 343 2.03 12.85 -2.00
CA MET A 343 2.82 13.71 -1.11
C MET A 343 4.10 13.01 -0.66
N ILE A 344 3.94 11.75 -0.26
CA ILE A 344 5.08 10.98 0.25
C ILE A 344 6.03 10.69 -0.91
N ASN A 345 5.47 10.26 -2.03
CA ASN A 345 6.30 9.89 -3.18
C ASN A 345 7.13 11.05 -3.72
N ASN A 346 6.48 12.19 -3.95
CA ASN A 346 7.17 13.36 -4.48
C ASN A 346 8.32 13.82 -3.58
N ASN A 347 8.07 13.83 -2.28
CA ASN A 347 9.09 14.21 -1.34
C ASN A 347 10.33 13.29 -1.36
N LEU A 348 10.12 11.97 -1.39
CA LEU A 348 11.22 11.01 -1.41
C LEU A 348 12.08 11.15 -2.65
N ARG A 349 11.49 11.67 -3.72
CA ARG A 349 12.27 11.96 -4.92
C ARG A 349 13.02 13.29 -4.82
N HIS A 350 13.23 13.76 -3.59
CA HIS A 350 14.18 14.82 -3.28
C HIS A 350 15.27 14.27 -2.36
N THR A 351 15.99 13.24 -2.82
CA THR A 351 16.98 12.53 -2.00
C THR A 351 18.15 13.38 -1.50
N ASP A 352 18.29 14.59 -2.07
CA ASP A 352 19.32 15.53 -1.65
C ASP A 352 19.17 15.96 -0.18
N GLU A 353 17.99 16.47 0.17
CA GLU A 353 17.69 16.90 1.53
C GLU A 353 17.66 15.71 2.51
N MET A 354 18.64 15.66 3.41
CA MET A 354 18.87 14.50 4.25
C MET A 354 17.85 14.29 5.36
N PHE A 355 17.31 15.38 5.88
CA PHE A 355 16.45 15.28 7.06
C PHE A 355 15.03 14.77 6.75
N TRP A 356 14.63 14.81 5.48
CA TRP A 356 13.27 14.45 5.13
C TRP A 356 13.20 13.27 4.16
N ASN A 357 14.33 12.65 3.85
CA ASN A 357 14.36 11.71 2.73
C ASN A 357 13.87 10.29 3.04
N HIS A 358 13.34 10.08 4.24
CA HIS A 358 12.70 8.82 4.58
C HIS A 358 11.25 9.00 5.06
N VAL A 359 10.78 10.24 5.10
CA VAL A 359 9.43 10.56 5.57
C VAL A 359 8.40 9.60 4.95
N SER A 360 7.67 8.89 5.80
CA SER A 360 6.71 7.91 5.30
C SER A 360 5.30 8.14 5.86
N MET A 361 5.16 9.13 6.75
CA MET A 361 3.86 9.49 7.33
C MET A 361 3.21 10.73 6.70
N CYS A 362 1.90 10.65 6.48
CA CYS A 362 1.13 11.72 5.86
C CYS A 362 -0.23 11.89 6.56
N ILE A 363 -0.64 13.14 6.79
CA ILE A 363 -2.03 13.41 7.15
C ILE A 363 -2.58 14.50 6.25
N LEU A 364 -3.90 14.47 6.03
CA LEU A 364 -4.55 15.37 5.08
C LEU A 364 -6.01 15.49 5.46
N ASN A 365 -6.45 16.71 5.76
CA ASN A 365 -7.84 16.95 6.16
C ASN A 365 -8.81 16.70 5.00
N GLY A 366 -9.81 15.86 5.22
CA GLY A 366 -10.85 15.62 4.23
C GLY A 366 -11.44 16.91 3.68
N GLY A 367 -11.56 17.94 4.52
CA GLY A 367 -12.05 19.23 4.07
C GLY A 367 -11.21 19.86 2.97
N GLY A 368 -9.99 19.37 2.78
CA GLY A 368 -9.12 19.88 1.75
C GLY A 368 -9.35 19.22 0.39
N ILE A 369 -10.16 18.17 0.39
CA ILE A 369 -10.40 17.38 -0.82
C ILE A 369 -11.77 17.75 -1.39
N ARG A 370 -11.79 18.44 -2.53
CA ARG A 370 -13.01 19.18 -2.92
C ARG A 370 -13.89 18.57 -4.03
N SER A 371 -13.47 17.45 -4.60
CA SER A 371 -14.26 16.76 -5.64
C SER A 371 -13.75 15.36 -5.95
N PRO A 372 -14.67 14.47 -6.40
CA PRO A 372 -14.23 13.19 -6.95
C PRO A 372 -13.80 13.34 -8.41
N ILE A 373 -13.16 12.32 -8.97
CA ILE A 373 -12.91 12.28 -10.42
C ILE A 373 -13.45 10.95 -10.95
N ASP A 374 -14.21 11.01 -12.05
CA ASP A 374 -14.86 9.82 -12.59
C ASP A 374 -13.93 9.06 -13.54
N GLU A 375 -13.99 7.74 -13.51
CA GLU A 375 -13.08 6.93 -14.33
C GLU A 375 -13.66 6.49 -15.68
N ARG A 376 -14.96 6.70 -15.89
CA ARG A 376 -15.64 6.14 -17.07
C ARG A 376 -15.42 6.87 -18.39
N ASN A 377 -14.67 7.96 -18.37
CA ASN A 377 -14.36 8.69 -19.61
C ASN A 377 -12.98 8.31 -20.16
N ASN A 378 -12.84 7.02 -20.50
CA ASN A 378 -11.56 6.42 -20.85
C ASN A 378 -10.49 6.54 -19.75
N GLY A 379 -10.92 6.86 -18.53
CA GLY A 379 -10.02 6.96 -17.39
C GLY A 379 -9.21 8.24 -17.36
N THR A 380 -9.43 9.11 -18.34
CA THR A 380 -8.60 10.30 -18.52
C THR A 380 -8.70 11.28 -17.36
N ILE A 381 -7.55 11.81 -16.94
CA ILE A 381 -7.49 12.84 -15.89
C ILE A 381 -6.83 14.09 -16.44
N THR A 382 -7.55 15.22 -16.41
CA THR A 382 -7.00 16.47 -16.92
C THR A 382 -6.73 17.45 -15.80
N TRP A 383 -6.06 18.55 -16.14
CA TRP A 383 -5.80 19.59 -15.18
C TRP A 383 -7.10 20.18 -14.58
N GLU A 384 -8.13 20.27 -15.40
CA GLU A 384 -9.43 20.78 -14.96
C GLU A 384 -10.04 19.88 -13.87
N ASN A 385 -10.07 18.57 -14.11
CA ASN A 385 -10.51 17.59 -13.10
C ASN A 385 -9.80 17.76 -11.77
N LEU A 386 -8.49 17.98 -11.85
CA LEU A 386 -7.64 17.94 -10.69
C LEU A 386 -7.77 19.24 -9.91
N ALA A 387 -7.87 20.34 -10.65
CA ALA A 387 -8.06 21.65 -10.03
C ALA A 387 -9.35 21.74 -9.22
N ALA A 388 -10.32 20.88 -9.53
CA ALA A 388 -11.55 20.81 -8.74
C ALA A 388 -11.35 20.03 -7.45
N VAL A 389 -10.36 19.15 -7.42
CA VAL A 389 -10.07 18.37 -6.22
C VAL A 389 -9.24 19.21 -5.27
N LEU A 390 -8.30 19.96 -5.83
CA LEU A 390 -7.33 20.71 -5.06
C LEU A 390 -7.29 22.14 -5.57
N PRO A 391 -8.24 22.97 -5.12
CA PRO A 391 -8.32 24.31 -5.71
C PRO A 391 -7.55 25.40 -4.96
N PHE A 392 -6.96 25.09 -3.80
CA PHE A 392 -6.55 26.14 -2.87
C PHE A 392 -5.17 26.76 -3.12
N GLY A 393 -4.39 26.18 -4.03
CA GLY A 393 -3.05 26.67 -4.31
C GLY A 393 -2.11 26.59 -3.11
N GLY A 394 -2.31 25.58 -2.27
CA GLY A 394 -1.48 25.37 -1.09
C GLY A 394 -0.22 24.57 -1.40
N THR A 395 0.54 24.26 -0.35
CA THR A 395 1.73 23.45 -0.48
C THR A 395 1.66 22.23 0.44
N PHE A 396 2.44 21.21 0.13
CA PHE A 396 2.58 20.04 0.98
C PHE A 396 3.88 20.15 1.80
N ASP A 397 3.75 20.39 3.11
CA ASP A 397 4.90 20.75 3.94
C ASP A 397 5.40 19.59 4.82
N LEU A 398 6.61 19.75 5.35
CA LEU A 398 7.18 18.77 6.27
C LEU A 398 7.24 19.36 7.66
N VAL A 399 6.73 18.61 8.63
CA VAL A 399 6.83 19.02 10.02
C VAL A 399 7.37 17.89 10.86
N GLN A 400 7.89 18.27 12.02
CA GLN A 400 8.42 17.33 12.97
C GLN A 400 7.54 17.47 14.19
N LEU A 401 6.96 16.36 14.64
CA LEU A 401 5.95 16.40 15.70
C LEU A 401 6.20 15.34 16.75
N LYS A 402 5.91 15.70 18.00
CA LYS A 402 5.87 14.76 19.10
C LYS A 402 4.71 13.78 18.90
N GLY A 403 4.89 12.56 19.40
CA GLY A 403 3.84 11.56 19.36
C GLY A 403 2.55 12.07 19.98
N SER A 404 2.67 12.74 21.12
CA SER A 404 1.51 13.24 21.83
C SER A 404 0.72 14.28 21.01
N THR A 405 1.43 15.12 20.27
CA THR A 405 0.78 16.05 19.36
C THR A 405 -0.08 15.31 18.33
N LEU A 406 0.51 14.33 17.66
CA LEU A 406 -0.19 13.54 16.64
C LEU A 406 -1.41 12.84 17.17
N LYS A 407 -1.28 12.23 18.34
CA LYS A 407 -2.40 11.59 18.98
C LYS A 407 -3.52 12.61 19.22
N LYS A 408 -3.16 13.82 19.61
CA LYS A 408 -4.15 14.87 19.84
C LYS A 408 -4.80 15.30 18.52
N ALA A 409 -4.01 15.32 17.46
CA ALA A 409 -4.51 15.67 16.14
C ALA A 409 -5.57 14.66 15.71
N PHE A 410 -5.28 13.38 15.90
CA PHE A 410 -6.24 12.31 15.59
C PHE A 410 -7.49 12.35 16.47
N GLU A 411 -7.35 12.77 17.72
CA GLU A 411 -8.55 12.99 18.54
C GLU A 411 -9.39 14.14 17.97
N HIS A 412 -8.72 15.22 17.58
CA HIS A 412 -9.41 16.38 17.01
C HIS A 412 -10.12 15.98 15.72
N SER A 413 -9.53 15.02 15.01
CA SER A 413 -10.05 14.54 13.74
C SER A 413 -11.49 14.00 13.85
N VAL A 414 -11.86 13.49 15.02
CA VAL A 414 -13.19 12.91 15.22
C VAL A 414 -13.90 13.47 16.47
N HIS A 415 -13.40 14.57 17.02
CA HIS A 415 -13.90 15.08 18.29
C HIS A 415 -15.38 15.45 18.19
N ARG A 416 -15.84 15.77 16.99
CA ARG A 416 -17.26 16.06 16.80
C ARG A 416 -17.82 15.34 15.58
N TYR A 417 -17.30 14.14 15.32
CA TYR A 417 -17.71 13.32 14.17
C TYR A 417 -19.21 13.30 13.95
N GLY A 418 -19.63 13.36 12.69
CA GLY A 418 -21.05 13.24 12.37
C GLY A 418 -21.67 14.49 11.78
N GLN A 419 -20.92 15.60 11.79
CA GLN A 419 -21.44 16.88 11.28
C GLN A 419 -20.83 17.28 9.94
N SER A 420 -20.07 16.36 9.35
CA SER A 420 -19.50 16.59 8.03
C SER A 420 -18.53 17.78 8.04
N THR A 421 -17.84 17.96 9.16
CA THR A 421 -16.82 19.02 9.23
C THR A 421 -15.52 18.58 8.57
N GLY A 422 -14.64 19.55 8.32
CA GLY A 422 -13.48 19.30 7.48
C GLY A 422 -12.26 18.64 8.12
N GLU A 423 -12.23 18.54 9.45
CA GLU A 423 -11.01 18.11 10.15
C GLU A 423 -10.74 16.60 10.15
N PHE A 424 -11.63 15.81 9.54
CA PHE A 424 -11.41 14.36 9.51
C PHE A 424 -10.18 14.07 8.64
N LEU A 425 -9.23 13.31 9.18
CA LEU A 425 -7.94 13.11 8.50
C LEU A 425 -7.86 11.88 7.61
N GLN A 426 -7.44 12.09 6.38
CA GLN A 426 -6.97 11.01 5.51
C GLN A 426 -5.47 10.81 5.78
N VAL A 427 -4.95 9.61 5.53
CA VAL A 427 -3.59 9.28 5.96
C VAL A 427 -2.74 8.48 4.99
N GLY A 428 -1.45 8.41 5.30
CA GLY A 428 -0.51 7.52 4.64
C GLY A 428 0.56 7.09 5.64
N GLY A 429 0.98 5.83 5.60
CA GLY A 429 1.96 5.33 6.56
C GLY A 429 1.43 5.28 7.99
N ILE A 430 0.11 5.26 8.13
CA ILE A 430 -0.54 5.28 9.43
C ILE A 430 -1.74 4.35 9.39
N HIS A 431 -1.91 3.56 10.46
CA HIS A 431 -3.12 2.76 10.66
C HIS A 431 -3.77 3.26 11.95
N VAL A 432 -4.95 3.83 11.83
CA VAL A 432 -5.65 4.35 13.00
C VAL A 432 -7.00 3.66 13.17
N VAL A 433 -7.39 3.41 14.41
CA VAL A 433 -8.71 2.85 14.69
C VAL A 433 -9.43 3.74 15.70
N TYR A 434 -10.66 4.12 15.37
CA TYR A 434 -11.47 4.93 16.28
C TYR A 434 -12.58 4.10 16.93
N ASP A 435 -12.96 4.47 18.13
CA ASP A 435 -14.16 3.95 18.75
C ASP A 435 -15.02 5.15 19.08
N LEU A 436 -15.99 5.45 18.23
CA LEU A 436 -16.81 6.66 18.37
C LEU A 436 -17.70 6.66 19.62
N SER A 437 -17.89 5.49 20.23
CA SER A 437 -18.73 5.39 21.43
C SER A 437 -18.06 5.98 22.67
N ARG A 438 -16.74 6.16 22.62
CA ARG A 438 -16.01 6.74 23.74
C ARG A 438 -16.12 8.26 23.73
N LYS A 439 -15.79 8.89 24.84
CA LYS A 439 -15.89 10.34 24.92
C LYS A 439 -14.88 11.01 24.01
N PRO A 440 -15.24 12.16 23.40
CA PRO A 440 -14.33 12.99 22.60
C PRO A 440 -13.02 13.20 23.34
N GLY A 441 -11.90 13.10 22.64
CA GLY A 441 -10.60 13.22 23.27
C GLY A 441 -10.06 11.87 23.67
N ASP A 442 -10.94 10.87 23.65
CA ASP A 442 -10.55 9.51 24.01
C ASP A 442 -11.05 8.48 22.99
N ARG A 443 -11.26 8.91 21.75
CA ARG A 443 -11.81 8.03 20.72
C ARG A 443 -10.77 7.22 19.94
N VAL A 444 -9.49 7.53 20.10
CA VAL A 444 -8.47 6.82 19.35
C VAL A 444 -7.98 5.59 20.12
N VAL A 445 -8.25 4.41 19.58
CA VAL A 445 -7.95 3.18 20.32
C VAL A 445 -6.77 2.42 19.76
N LYS A 446 -6.42 2.69 18.50
CA LYS A 446 -5.22 2.12 17.91
C LYS A 446 -4.60 3.16 17.00
N LEU A 447 -3.29 3.29 17.06
CA LEU A 447 -2.56 4.22 16.20
C LEU A 447 -1.16 3.66 15.97
N ASP A 448 -0.96 3.00 14.83
CA ASP A 448 0.34 2.49 14.44
C ASP A 448 0.89 3.30 13.26
N VAL A 449 2.20 3.50 13.24
CA VAL A 449 2.86 4.28 12.20
C VAL A 449 4.08 3.51 11.69
N LEU A 450 4.48 3.78 10.46
CA LEU A 450 5.69 3.19 9.91
C LEU A 450 6.91 3.68 10.67
N CYS A 451 7.71 2.74 11.19
CA CYS A 451 8.98 3.08 11.82
C CYS A 451 9.87 3.73 10.78
N THR A 452 10.79 4.60 11.21
CA THR A 452 11.72 5.21 10.27
C THR A 452 13.16 4.80 10.55
N LYS A 453 13.50 4.70 11.83
CA LYS A 453 14.82 4.21 12.22
C LYS A 453 14.78 2.69 12.28
N CYS A 454 14.67 2.09 11.12
CA CYS A 454 14.58 0.66 10.95
C CYS A 454 14.92 0.49 9.50
N ARG A 455 15.57 -0.62 9.15
CA ARG A 455 16.01 -0.76 7.78
C ARG A 455 14.88 -1.25 6.87
N VAL A 456 13.95 -2.00 7.46
CA VAL A 456 12.70 -2.37 6.78
C VAL A 456 11.49 -1.73 7.45
N PRO A 457 10.79 -0.82 6.74
CA PRO A 457 9.61 -0.15 7.32
C PRO A 457 8.55 -1.16 7.71
N SER A 458 8.00 -0.99 8.91
CA SER A 458 6.87 -1.81 9.35
C SER A 458 6.07 -1.01 10.38
N TYR A 459 4.85 -1.46 10.67
CA TYR A 459 3.97 -0.72 11.56
C TYR A 459 4.22 -1.05 13.02
N ASP A 460 4.38 0.01 13.82
CA ASP A 460 4.65 -0.09 15.26
C ASP A 460 3.74 0.93 15.92
N PRO A 461 3.29 0.63 17.14
CA PRO A 461 2.47 1.59 17.90
C PRO A 461 3.18 2.93 18.05
N LEU A 462 2.43 4.00 17.84
CA LEU A 462 2.95 5.34 18.04
C LEU A 462 3.22 5.51 19.54
N LYS A 463 4.35 6.13 19.88
CA LYS A 463 4.64 6.45 21.29
C LYS A 463 4.49 7.94 21.55
N MET A 464 3.88 8.29 22.67
CA MET A 464 3.63 9.69 23.00
C MET A 464 4.91 10.50 23.15
N ASP A 465 5.96 9.86 23.66
CA ASP A 465 7.24 10.53 23.91
C ASP A 465 8.27 10.34 22.82
N GLU A 466 7.85 9.85 21.66
CA GLU A 466 8.74 9.83 20.50
C GLU A 466 8.42 10.99 19.57
N VAL A 467 9.30 11.22 18.61
CA VAL A 467 9.17 12.31 17.68
C VAL A 467 9.03 11.74 16.27
N TYR A 468 8.08 12.27 15.49
CA TYR A 468 7.83 11.74 14.16
C TYR A 468 7.89 12.83 13.10
N LYS A 469 8.19 12.43 11.86
CA LYS A 469 8.27 13.33 10.73
C LYS A 469 7.07 13.10 9.81
N VAL A 470 6.33 14.16 9.52
CA VAL A 470 5.05 14.03 8.82
C VAL A 470 4.91 15.02 7.68
N ILE A 471 4.41 14.55 6.55
CA ILE A 471 4.07 15.47 5.47
C ILE A 471 2.56 15.78 5.54
N LEU A 472 2.21 17.05 5.34
CA LEU A 472 0.84 17.54 5.50
C LEU A 472 0.66 18.91 4.79
N PRO A 473 -0.59 19.30 4.50
CA PRO A 473 -0.83 20.60 3.86
C PRO A 473 -0.38 21.72 4.76
N ASN A 474 0.19 22.78 4.19
CA ASN A 474 0.55 23.95 4.98
C ASN A 474 -0.61 24.49 5.81
N PHE A 475 -1.83 24.40 5.27
CA PHE A 475 -3.07 24.77 5.97
C PHE A 475 -3.16 24.13 7.35
N LEU A 476 -2.80 22.85 7.45
CA LEU A 476 -2.78 22.16 8.74
C LEU A 476 -1.58 22.55 9.60
N ALA A 477 -0.44 22.78 8.97
CA ALA A 477 0.75 23.24 9.67
C ALA A 477 0.47 24.59 10.33
N ASN A 478 -0.37 25.40 9.68
CA ASN A 478 -0.74 26.71 10.22
C ASN A 478 -1.95 26.68 11.15
N GLY A 479 -2.40 25.49 11.52
CA GLY A 479 -3.50 25.37 12.47
C GLY A 479 -4.91 25.41 11.87
N GLY A 480 -5.01 25.34 10.54
CA GLY A 480 -6.30 25.29 9.88
C GLY A 480 -7.18 24.16 10.40
N ASP A 481 -8.50 24.28 10.19
CA ASP A 481 -9.46 23.30 10.70
C ASP A 481 -9.36 23.10 12.21
N GLY A 482 -8.72 24.05 12.91
CA GLY A 482 -8.63 23.98 14.36
C GLY A 482 -7.58 23.02 14.90
N PHE A 483 -6.63 22.59 14.06
CA PHE A 483 -5.48 21.82 14.56
C PHE A 483 -4.44 22.75 15.21
N GLN A 484 -4.84 23.38 16.30
CA GLN A 484 -4.01 24.36 16.99
C GLN A 484 -2.79 23.68 17.61
N MET A 485 -2.96 22.40 17.98
CA MET A 485 -1.88 21.66 18.59
C MET A 485 -0.71 21.48 17.63
N ILE A 486 -1.01 21.36 16.33
CA ILE A 486 0.08 21.21 15.36
C ILE A 486 0.90 22.48 15.26
N LYS A 487 0.22 23.61 15.09
CA LYS A 487 0.91 24.90 15.00
C LYS A 487 1.69 25.23 16.26
N ASP A 488 1.08 25.08 17.44
CA ASP A 488 1.71 25.45 18.72
C ASP A 488 2.81 24.49 19.15
N GLU A 489 2.70 23.21 18.76
CA GLU A 489 3.61 22.20 19.31
C GLU A 489 4.66 21.66 18.35
N LEU A 490 4.55 21.96 17.05
CA LEU A 490 5.51 21.40 16.10
C LEU A 490 6.94 21.82 16.45
N LEU A 491 7.90 20.99 16.04
CA LEU A 491 9.31 21.21 16.39
C LEU A 491 10.09 21.80 15.23
N ARG A 492 9.58 21.58 14.02
CA ARG A 492 10.21 22.07 12.80
C ARG A 492 9.16 22.12 11.68
N HIS A 493 9.24 23.14 10.84
CA HIS A 493 8.31 23.29 9.72
C HIS A 493 9.04 23.86 8.50
N ASP A 494 9.23 23.02 7.49
CA ASP A 494 9.77 23.46 6.21
C ASP A 494 8.64 23.45 5.18
N SER A 495 8.60 24.48 4.34
CA SER A 495 7.58 24.55 3.30
C SER A 495 8.00 23.66 2.14
N GLY A 496 7.03 23.10 1.42
CA GLY A 496 7.33 22.16 0.36
C GLY A 496 6.77 22.54 -1.00
N ASP A 497 6.56 21.54 -1.85
CA ASP A 497 6.10 21.78 -3.20
C ASP A 497 4.62 22.16 -3.29
N GLN A 498 4.20 22.64 -4.45
CA GLN A 498 2.84 23.11 -4.65
C GLN A 498 1.89 21.92 -4.80
N ASP A 499 0.79 21.95 -4.03
CA ASP A 499 -0.09 20.79 -3.90
C ASP A 499 -0.54 20.19 -5.22
N ILE A 500 -1.05 21.02 -6.11
CA ILE A 500 -1.62 20.46 -7.32
C ILE A 500 -0.52 19.93 -8.25
N ASN A 501 0.64 20.58 -8.22
CA ASN A 501 1.76 20.12 -9.05
C ASN A 501 2.26 18.76 -8.59
N VAL A 502 2.33 18.58 -7.27
CA VAL A 502 2.76 17.31 -6.70
C VAL A 502 1.90 16.17 -7.21
N VAL A 503 0.59 16.34 -7.14
CA VAL A 503 -0.32 15.26 -7.52
C VAL A 503 -0.34 15.02 -9.03
N SER A 504 -0.23 16.08 -9.82
CA SER A 504 -0.25 15.91 -11.27
C SER A 504 1.05 15.28 -11.75
N THR A 505 2.15 15.62 -11.09
CA THR A 505 3.44 14.99 -11.38
C THR A 505 3.37 13.48 -11.13
N TYR A 506 2.89 13.12 -9.95
CA TYR A 506 2.77 11.73 -9.53
C TYR A 506 1.90 10.96 -10.52
N ILE A 507 0.80 11.57 -10.94
CA ILE A 507 -0.08 10.92 -11.90
C ILE A 507 0.64 10.72 -13.24
N SER A 508 1.41 11.73 -13.66
CA SER A 508 2.18 11.62 -14.90
C SER A 508 3.28 10.55 -14.81
N LYS A 509 3.99 10.52 -13.69
CA LYS A 509 4.98 9.48 -13.44
C LYS A 509 4.34 8.09 -13.46
N MET A 510 3.24 7.93 -12.73
CA MET A 510 2.62 6.61 -12.60
C MET A 510 1.93 6.13 -13.88
N LYS A 511 1.46 7.07 -14.70
CA LYS A 511 0.76 6.76 -15.97
C LYS A 511 -0.65 6.23 -15.72
N VAL A 512 -0.74 5.14 -14.97
CA VAL A 512 -2.04 4.55 -14.64
C VAL A 512 -2.12 4.42 -13.11
N ILE A 513 -3.15 5.02 -12.52
CA ILE A 513 -3.33 4.93 -11.07
C ILE A 513 -4.57 4.11 -10.66
N TYR A 514 -4.53 3.58 -9.44
CA TYR A 514 -5.58 2.69 -8.97
C TYR A 514 -5.59 2.62 -7.45
N PRO A 515 -5.72 3.77 -6.78
CA PRO A 515 -5.70 3.74 -5.31
C PRO A 515 -6.89 2.99 -4.74
N ALA A 516 -6.64 2.21 -3.70
CA ALA A 516 -7.67 1.41 -3.05
C ALA A 516 -7.99 1.93 -1.65
N VAL A 517 -9.16 1.56 -1.12
CA VAL A 517 -9.39 1.65 0.32
C VAL A 517 -8.78 0.39 0.95
N GLU A 518 -7.80 0.60 1.83
CA GLU A 518 -6.89 -0.45 2.29
C GLU A 518 -7.06 -0.84 3.76
N GLY A 519 -7.80 -0.02 4.52
CA GLY A 519 -7.93 -0.21 5.95
C GLY A 519 -6.92 0.64 6.73
N ARG A 520 -6.48 1.75 6.14
CA ARG A 520 -5.65 2.72 6.85
C ARG A 520 -6.42 3.31 8.04
N ILE A 521 -7.74 3.39 7.90
CA ILE A 521 -8.61 3.95 8.93
C ILE A 521 -9.79 3.01 9.16
N LYS A 522 -9.97 2.56 10.40
CA LYS A 522 -11.10 1.72 10.76
C LYS A 522 -11.85 2.25 11.96
N PHE A 523 -13.05 1.72 12.15
CA PHE A 523 -13.90 2.06 13.28
C PHE A 523 -14.27 0.75 13.97
N SER A 524 -14.46 0.78 15.28
CA SER A 524 -14.97 -0.38 15.99
C SER A 524 -16.46 -0.23 16.30
N TRP B 2 40.34 -44.64 15.41
CA TRP B 2 40.35 -44.03 14.07
C TRP B 2 39.41 -42.82 13.91
N GLU B 3 40.01 -41.64 13.74
CA GLU B 3 39.23 -40.42 13.65
C GLU B 3 39.06 -39.86 12.24
N LEU B 4 37.81 -39.61 11.85
CA LEU B 4 37.49 -38.99 10.57
C LEU B 4 37.05 -37.52 10.74
N THR B 5 37.60 -36.64 9.91
CA THR B 5 37.17 -35.26 9.89
C THR B 5 36.32 -35.01 8.65
N ILE B 6 35.04 -34.73 8.87
CA ILE B 6 34.15 -34.46 7.74
C ILE B 6 33.95 -32.98 7.58
N LEU B 7 34.44 -32.44 6.48
CA LEU B 7 34.15 -31.08 6.09
C LEU B 7 33.00 -31.12 5.08
N HIS B 8 32.03 -30.22 5.25
CA HIS B 8 30.83 -30.21 4.40
C HIS B 8 30.25 -28.83 4.09
N THR B 9 29.88 -28.65 2.83
CA THR B 9 29.10 -27.49 2.38
C THR B 9 27.76 -27.94 1.78
N ASN B 10 26.78 -27.05 1.77
CA ASN B 10 25.51 -27.32 1.12
C ASN B 10 24.86 -26.01 0.74
N ASP B 11 24.06 -26.04 -0.31
CA ASP B 11 23.34 -24.86 -0.76
C ASP B 11 24.22 -23.62 -0.91
N VAL B 12 25.38 -23.80 -1.51
CA VAL B 12 26.29 -22.70 -1.78
C VAL B 12 25.65 -21.70 -2.74
N HIS B 13 24.91 -22.21 -3.72
CA HIS B 13 24.11 -21.37 -4.61
C HIS B 13 24.88 -20.23 -5.29
N SER B 14 25.92 -20.63 -6.01
CA SER B 14 26.74 -19.70 -6.79
C SER B 14 27.41 -18.60 -6.01
N ARG B 15 27.61 -18.75 -4.71
CA ARG B 15 28.34 -17.72 -3.98
C ARG B 15 29.85 -17.98 -4.13
N LEU B 16 30.35 -17.82 -5.35
CA LEU B 16 31.77 -18.09 -5.64
C LEU B 16 32.67 -17.02 -5.04
N GLU B 17 32.21 -15.78 -5.11
CA GLU B 17 32.90 -14.66 -4.51
C GLU B 17 32.44 -14.51 -3.08
N GLN B 18 33.28 -13.93 -2.23
CA GLN B 18 32.86 -13.61 -0.88
C GLN B 18 31.62 -12.70 -0.95
N THR B 19 30.84 -12.68 0.12
CA THR B 19 29.57 -11.99 0.11
C THR B 19 29.42 -11.13 1.35
N SER B 20 28.38 -10.30 1.36
CA SER B 20 28.01 -9.59 2.55
C SER B 20 27.50 -10.63 3.53
N GLU B 21 27.39 -10.25 4.80
CA GLU B 21 26.89 -11.15 5.84
C GLU B 21 25.55 -11.83 5.50
N ASP B 22 24.71 -11.17 4.72
CA ASP B 22 23.39 -11.68 4.41
C ASP B 22 23.37 -12.42 3.08
N SER B 23 24.58 -12.68 2.57
CA SER B 23 24.79 -13.46 1.33
CA SER B 23 24.87 -13.43 1.35
C SER B 23 24.63 -12.67 0.04
N SER B 24 24.30 -11.39 0.15
CA SER B 24 24.21 -10.53 -1.03
C SER B 24 25.60 -10.03 -1.41
N LYS B 25 25.68 -9.22 -2.45
CA LYS B 25 26.95 -8.81 -3.03
C LYS B 25 27.89 -8.16 -2.02
N CYS B 26 29.15 -8.58 -2.05
CA CYS B 26 30.16 -7.98 -1.19
C CYS B 26 30.43 -6.52 -1.60
N VAL B 27 30.36 -5.62 -0.64
CA VAL B 27 30.63 -4.20 -0.88
C VAL B 27 31.86 -3.71 -0.10
N ASN B 28 31.79 -3.76 1.23
CA ASN B 28 32.94 -3.50 2.10
C ASN B 28 33.70 -4.79 2.38
N ALA B 29 34.71 -5.07 1.57
CA ALA B 29 35.45 -6.33 1.62
C ALA B 29 35.98 -6.70 3.01
N SER B 30 36.18 -5.70 3.85
CA SER B 30 36.63 -5.94 5.23
C SER B 30 35.59 -6.68 6.09
N ARG B 31 34.31 -6.54 5.77
CA ARG B 31 33.27 -7.21 6.54
C ARG B 31 32.62 -8.38 5.77
N CYS B 32 33.28 -8.82 4.71
CA CYS B 32 32.70 -9.85 3.86
C CYS B 32 33.06 -11.26 4.31
N MET B 33 32.37 -12.25 3.73
CA MET B 33 32.44 -13.63 4.22
C MET B 33 32.34 -14.63 3.10
N GLY B 34 32.65 -15.88 3.39
CA GLY B 34 32.52 -16.96 2.42
C GLY B 34 33.31 -16.77 1.15
N GLY B 35 32.86 -17.42 0.07
CA GLY B 35 33.57 -17.41 -1.19
C GLY B 35 34.51 -18.61 -1.24
N VAL B 36 34.80 -19.10 -2.44
CA VAL B 36 35.63 -20.29 -2.58
C VAL B 36 37.10 -20.05 -2.22
N ALA B 37 37.60 -18.83 -2.42
CA ALA B 37 38.99 -18.51 -2.07
C ALA B 37 39.21 -18.69 -0.58
N ARG B 38 38.27 -18.17 0.21
CA ARG B 38 38.40 -18.22 1.65
C ARG B 38 38.16 -19.63 2.15
N LEU B 39 37.21 -20.32 1.50
CA LEU B 39 36.94 -21.71 1.85
C LEU B 39 38.19 -22.55 1.62
N PHE B 40 38.85 -22.34 0.48
CA PHE B 40 40.08 -23.04 0.15
C PHE B 40 41.10 -22.91 1.27
N THR B 41 41.33 -21.67 1.72
CA THR B 41 42.25 -21.41 2.83
C THR B 41 41.93 -22.27 4.06
N LYS B 42 40.66 -22.26 4.46
CA LYS B 42 40.25 -23.01 5.65
C LYS B 42 40.41 -24.53 5.49
N VAL B 43 39.95 -25.05 4.35
CA VAL B 43 40.07 -26.48 4.06
C VAL B 43 41.55 -26.87 4.13
N GLN B 44 42.40 -26.02 3.56
CA GLN B 44 43.84 -26.27 3.53
C GLN B 44 44.45 -26.29 4.94
N GLN B 45 44.01 -25.36 5.80
CA GLN B 45 44.48 -25.33 7.17
C GLN B 45 44.14 -26.62 7.90
N ILE B 46 43.00 -27.20 7.54
CA ILE B 46 42.53 -28.40 8.21
C ILE B 46 43.24 -29.65 7.66
N ARG B 47 43.41 -29.73 6.35
CA ARG B 47 44.05 -30.88 5.72
C ARG B 47 45.48 -31.03 6.19
N ARG B 48 46.09 -29.89 6.50
CA ARG B 48 47.49 -29.84 6.86
C ARG B 48 47.66 -30.24 8.34
N ALA B 49 46.56 -30.21 9.08
CA ALA B 49 46.56 -30.52 10.52
C ALA B 49 45.96 -31.86 10.89
N GLU B 50 45.14 -32.44 10.01
CA GLU B 50 44.43 -33.67 10.34
C GLU B 50 44.71 -34.75 9.30
N PRO B 51 44.88 -36.00 9.75
CA PRO B 51 45.25 -37.10 8.84
C PRO B 51 44.11 -37.53 7.89
N ASN B 52 42.90 -37.69 8.42
CA ASN B 52 41.81 -38.29 7.66
C ASN B 52 40.68 -37.29 7.34
N VAL B 53 40.80 -36.57 6.23
CA VAL B 53 39.86 -35.52 5.90
C VAL B 53 39.02 -35.84 4.65
N LEU B 54 37.71 -35.61 4.75
CA LEU B 54 36.81 -35.66 3.62
C LEU B 54 36.11 -34.30 3.45
N LEU B 55 36.07 -33.80 2.21
CA LEU B 55 35.32 -32.60 1.86
C LEU B 55 34.11 -32.98 1.00
N LEU B 56 32.91 -32.76 1.53
CA LEU B 56 31.69 -33.25 0.91
C LEU B 56 30.75 -32.09 0.61
N ASP B 57 30.02 -32.18 -0.49
CA ASP B 57 28.98 -31.18 -0.77
C ASP B 57 27.62 -31.83 -0.88
N ALA B 58 26.61 -31.23 -0.28
CA ALA B 58 25.28 -31.82 -0.26
C ALA B 58 24.27 -31.16 -1.20
N GLY B 59 24.77 -30.59 -2.29
CA GLY B 59 23.91 -30.17 -3.39
C GLY B 59 23.56 -28.70 -3.41
N ASP B 60 22.88 -28.29 -4.48
CA ASP B 60 22.49 -26.89 -4.67
C ASP B 60 23.68 -25.95 -4.76
N GLN B 61 24.73 -26.40 -5.45
CA GLN B 61 25.78 -25.51 -5.93
C GLN B 61 25.20 -24.60 -7.03
N TYR B 62 24.39 -25.19 -7.91
CA TYR B 62 23.80 -24.48 -9.05
C TYR B 62 22.86 -23.35 -8.60
N GLN B 63 22.88 -22.24 -9.33
CA GLN B 63 21.85 -21.19 -9.28
C GLN B 63 22.01 -20.21 -8.14
N GLY B 64 22.15 -18.93 -8.46
CA GLY B 64 22.06 -17.91 -7.44
C GLY B 64 22.74 -16.60 -7.70
N THR B 65 23.67 -16.56 -8.65
CA THR B 65 24.30 -15.29 -9.05
C THR B 65 24.60 -15.33 -10.53
N ILE B 66 25.03 -14.19 -11.07
CA ILE B 66 25.38 -14.11 -12.49
C ILE B 66 26.57 -14.99 -12.86
N TRP B 67 27.31 -15.48 -11.87
CA TRP B 67 28.32 -16.51 -12.11
C TRP B 67 27.68 -17.69 -12.80
N PHE B 68 26.51 -18.09 -12.32
CA PHE B 68 25.84 -19.27 -12.86
C PHE B 68 25.06 -18.89 -14.11
N THR B 69 24.57 -17.66 -14.13
CA THR B 69 23.84 -17.19 -15.31
C THR B 69 24.73 -17.26 -16.55
N VAL B 70 25.94 -16.75 -16.41
CA VAL B 70 26.90 -16.73 -17.51
C VAL B 70 27.66 -18.04 -17.74
N TYR B 71 28.17 -18.68 -16.67
CA TYR B 71 29.00 -19.88 -16.85
C TYR B 71 28.25 -21.22 -16.80
N LYS B 72 27.05 -21.22 -16.21
CA LYS B 72 26.11 -22.34 -16.35
C LYS B 72 26.57 -23.67 -15.78
N GLY B 73 27.45 -23.62 -14.79
CA GLY B 73 27.94 -24.83 -14.15
C GLY B 73 29.44 -25.02 -14.31
N ALA B 74 29.99 -24.50 -15.40
CA ALA B 74 31.41 -24.67 -15.69
C ALA B 74 32.23 -24.09 -14.55
N GLU B 75 31.72 -23.01 -13.96
CA GLU B 75 32.39 -22.41 -12.82
C GLU B 75 32.27 -23.31 -11.61
N VAL B 76 31.19 -24.10 -11.55
CA VAL B 76 31.02 -25.02 -10.43
C VAL B 76 32.02 -26.17 -10.50
N ALA B 77 32.11 -26.80 -11.67
CA ALA B 77 33.08 -27.88 -11.87
C ALA B 77 34.50 -27.36 -11.64
N HIS B 78 34.80 -26.18 -12.17
CA HIS B 78 36.16 -25.67 -12.11
C HIS B 78 36.60 -25.40 -10.67
N PHE B 79 35.77 -24.72 -9.88
CA PHE B 79 36.22 -24.36 -8.55
C PHE B 79 36.05 -25.48 -7.51
N MET B 80 35.08 -26.37 -7.71
CA MET B 80 34.99 -27.55 -6.84
C MET B 80 36.19 -28.48 -7.10
N ASN B 81 36.60 -28.58 -8.36
CA ASN B 81 37.81 -29.34 -8.69
C ASN B 81 39.03 -28.74 -8.00
N ALA B 82 39.15 -27.42 -8.05
CA ALA B 82 40.29 -26.73 -7.44
C ALA B 82 40.35 -26.95 -5.92
N LEU B 83 39.18 -26.92 -5.28
CA LEU B 83 39.08 -27.17 -3.84
C LEU B 83 39.24 -28.66 -3.53
N ARG B 84 39.22 -29.47 -4.58
CA ARG B 84 39.35 -30.92 -4.47
C ARG B 84 38.28 -31.56 -3.56
N TYR B 85 37.03 -31.29 -3.87
CA TYR B 85 35.95 -31.97 -3.17
C TYR B 85 36.10 -33.46 -3.38
N ASP B 86 35.75 -34.22 -2.35
CA ASP B 86 35.82 -35.66 -2.40
C ASP B 86 34.55 -36.32 -2.95
N ALA B 87 33.39 -35.71 -2.72
CA ALA B 87 32.12 -36.21 -3.27
C ALA B 87 31.05 -35.13 -3.21
N MET B 88 30.04 -35.22 -4.08
CA MET B 88 28.94 -34.27 -4.05
C MET B 88 27.64 -35.02 -4.32
N ALA B 89 26.58 -34.68 -3.59
CA ALA B 89 25.27 -35.24 -3.91
C ALA B 89 24.49 -34.24 -4.73
N LEU B 90 23.62 -34.76 -5.61
CA LEU B 90 22.81 -33.90 -6.46
C LEU B 90 21.68 -33.26 -5.69
N GLY B 91 21.53 -31.95 -5.85
CA GLY B 91 20.41 -31.23 -5.28
C GLY B 91 19.40 -30.91 -6.38
N ASN B 92 18.26 -30.34 -5.99
CA ASN B 92 17.21 -30.07 -6.96
C ASN B 92 17.64 -29.03 -7.98
N HIS B 93 18.42 -28.04 -7.52
CA HIS B 93 18.81 -26.95 -8.42
C HIS B 93 19.82 -27.35 -9.48
N GLU B 94 20.52 -28.46 -9.25
CA GLU B 94 21.35 -29.06 -10.29
C GLU B 94 20.58 -29.40 -11.58
N PHE B 95 19.24 -29.51 -11.50
CA PHE B 95 18.42 -29.79 -12.68
C PHE B 95 17.74 -28.58 -13.31
N ASP B 96 17.99 -27.38 -12.79
CA ASP B 96 17.38 -26.14 -13.28
C ASP B 96 17.51 -25.96 -14.80
N ASN B 97 18.65 -26.33 -15.36
CA ASN B 97 18.86 -26.23 -16.81
C ASN B 97 18.66 -27.57 -17.50
N GLY B 98 17.82 -28.42 -16.92
CA GLY B 98 17.53 -29.73 -17.49
C GLY B 98 18.69 -30.70 -17.30
N VAL B 99 18.53 -31.93 -17.76
CA VAL B 99 19.61 -32.91 -17.68
C VAL B 99 20.81 -32.51 -18.55
N GLU B 100 20.53 -31.88 -19.68
CA GLU B 100 21.59 -31.45 -20.56
C GLU B 100 22.43 -30.39 -19.86
N GLY B 101 21.76 -29.56 -19.07
CA GLY B 101 22.43 -28.52 -18.30
C GLY B 101 23.25 -29.07 -17.14
N LEU B 102 23.05 -30.34 -16.82
CA LEU B 102 23.77 -31.00 -15.72
C LEU B 102 24.90 -31.92 -16.24
N ILE B 103 24.59 -32.75 -17.24
CA ILE B 103 25.60 -33.59 -17.89
C ILE B 103 26.76 -32.74 -18.34
N GLU B 104 26.41 -31.65 -19.01
CA GLU B 104 27.34 -30.63 -19.46
C GLU B 104 26.99 -29.34 -18.74
N PRO B 105 27.94 -28.77 -17.98
CA PRO B 105 29.33 -29.15 -17.79
C PRO B 105 29.67 -29.64 -16.37
N LEU B 106 28.72 -30.17 -15.61
CA LEU B 106 29.09 -30.60 -14.27
C LEU B 106 29.53 -32.05 -14.27
N LEU B 107 28.66 -32.94 -14.73
CA LEU B 107 28.96 -34.37 -14.66
C LEU B 107 30.15 -34.79 -15.52
N LYS B 108 30.35 -34.11 -16.64
CA LYS B 108 31.45 -34.43 -17.54
C LYS B 108 32.77 -33.90 -17.05
N GLU B 109 32.74 -32.80 -16.31
CA GLU B 109 33.95 -32.06 -15.96
C GLU B 109 34.38 -32.19 -14.49
N ALA B 110 33.50 -32.72 -13.65
CA ALA B 110 33.84 -32.88 -12.24
C ALA B 110 34.88 -33.98 -12.05
N LYS B 111 35.92 -33.71 -11.26
CA LYS B 111 36.98 -34.70 -11.01
C LYS B 111 36.73 -35.48 -9.72
N PHE B 112 35.47 -35.55 -9.32
CA PHE B 112 35.07 -36.21 -8.08
C PHE B 112 33.73 -36.88 -8.34
N PRO B 113 33.40 -37.93 -7.57
CA PRO B 113 32.13 -38.61 -7.81
C PRO B 113 30.92 -37.75 -7.43
N ILE B 114 29.88 -37.84 -8.26
CA ILE B 114 28.64 -37.16 -8.01
C ILE B 114 27.56 -38.21 -7.77
N LEU B 115 26.81 -38.06 -6.69
CA LEU B 115 26.00 -39.14 -6.17
C LEU B 115 24.52 -38.83 -6.01
N SER B 116 23.71 -39.88 -6.22
CA SER B 116 22.30 -39.90 -5.87
C SER B 116 21.75 -41.28 -6.15
N ALA B 117 21.34 -41.97 -5.10
CA ALA B 117 20.89 -43.35 -5.23
C ALA B 117 19.40 -43.46 -5.59
N ASN B 118 18.63 -42.39 -5.44
CA ASN B 118 17.19 -42.49 -5.64
C ASN B 118 16.72 -41.88 -6.95
N ILE B 119 17.68 -41.53 -7.81
CA ILE B 119 17.34 -40.98 -9.12
C ILE B 119 17.60 -42.05 -10.18
N LYS B 120 16.53 -42.46 -10.86
CA LYS B 120 16.62 -43.53 -11.87
C LYS B 120 16.28 -42.99 -13.28
N ALA B 121 17.15 -43.26 -14.25
CA ALA B 121 16.95 -42.87 -15.64
C ALA B 121 16.15 -43.89 -16.44
N LYS B 122 15.12 -43.42 -17.15
CA LYS B 122 14.26 -44.27 -17.97
C LYS B 122 14.48 -44.00 -19.47
N GLY B 123 14.15 -44.97 -20.31
CA GLY B 123 14.26 -44.81 -21.75
C GLY B 123 15.68 -44.61 -22.25
N PRO B 124 15.83 -43.88 -23.37
CA PRO B 124 17.11 -43.61 -24.04
C PRO B 124 18.08 -42.76 -23.23
N LEU B 125 17.57 -41.99 -22.28
CA LEU B 125 18.43 -41.18 -21.41
C LEU B 125 19.33 -42.09 -20.59
N ALA B 126 18.81 -43.29 -20.25
CA ALA B 126 19.51 -44.22 -19.39
C ALA B 126 20.92 -44.53 -19.87
N SER B 127 21.05 -44.98 -21.11
CA SER B 127 22.36 -45.32 -21.66
C SER B 127 23.24 -44.06 -21.81
N GLN B 128 22.60 -42.93 -22.03
CA GLN B 128 23.32 -41.66 -22.21
C GLN B 128 23.89 -41.11 -20.90
N ILE B 129 23.23 -41.42 -19.78
CA ILE B 129 23.64 -40.88 -18.47
C ILE B 129 24.30 -41.94 -17.57
N SER B 130 24.26 -43.18 -18.03
CA SER B 130 24.87 -44.33 -17.34
C SER B 130 26.24 -43.99 -16.76
N GLY B 131 26.40 -44.21 -15.46
CA GLY B 131 27.68 -43.98 -14.79
C GLY B 131 28.15 -42.54 -14.60
N LEU B 132 27.43 -41.57 -15.16
CA LEU B 132 27.83 -40.17 -15.00
C LEU B 132 27.52 -39.63 -13.59
N TYR B 133 26.60 -40.29 -12.90
CA TYR B 133 26.42 -40.09 -11.47
C TYR B 133 26.20 -41.48 -10.90
N LEU B 134 26.46 -41.67 -9.62
CA LEU B 134 26.48 -43.00 -9.03
C LEU B 134 25.60 -43.08 -7.79
N PRO B 135 25.15 -44.29 -7.43
CA PRO B 135 24.36 -44.38 -6.20
C PRO B 135 25.25 -44.24 -4.95
N TYR B 136 26.49 -44.69 -5.06
CA TYR B 136 27.40 -44.59 -3.95
C TYR B 136 28.84 -44.52 -4.45
N LYS B 137 29.77 -44.21 -3.55
CA LYS B 137 31.17 -44.36 -3.89
C LYS B 137 31.92 -44.84 -2.66
N VAL B 138 32.83 -45.79 -2.86
CA VAL B 138 33.74 -46.21 -1.80
C VAL B 138 35.02 -45.41 -1.90
N LEU B 139 35.33 -44.67 -0.84
CA LEU B 139 36.50 -43.80 -0.86
C LEU B 139 37.61 -44.30 0.06
N PRO B 140 38.84 -44.41 -0.46
CA PRO B 140 39.97 -44.66 0.43
C PRO B 140 40.29 -43.41 1.24
N VAL B 141 40.42 -43.61 2.55
CA VAL B 141 40.81 -42.53 3.45
C VAL B 141 41.85 -43.10 4.41
N GLY B 142 43.10 -42.71 4.24
CA GLY B 142 44.18 -43.32 5.00
C GLY B 142 44.28 -44.79 4.66
N ASP B 143 44.28 -45.64 5.68
CA ASP B 143 44.37 -47.08 5.48
C ASP B 143 43.00 -47.72 5.47
N GLU B 144 41.96 -46.87 5.44
CA GLU B 144 40.59 -47.34 5.56
C GLU B 144 39.79 -46.97 4.32
N VAL B 145 38.57 -47.47 4.22
CA VAL B 145 37.64 -46.96 3.24
C VAL B 145 36.38 -46.44 3.94
N VAL B 146 35.73 -45.45 3.33
CA VAL B 146 34.43 -44.99 3.80
C VAL B 146 33.48 -45.00 2.61
N GLY B 147 32.28 -45.51 2.83
CA GLY B 147 31.25 -45.47 1.82
C GLY B 147 30.38 -44.22 1.91
N ILE B 148 30.16 -43.58 0.77
CA ILE B 148 29.23 -42.45 0.69
C ILE B 148 28.05 -42.77 -0.24
N VAL B 149 26.83 -42.70 0.29
CA VAL B 149 25.65 -42.95 -0.51
C VAL B 149 24.89 -41.63 -0.67
N GLY B 150 24.47 -41.32 -1.89
CA GLY B 150 23.82 -40.05 -2.18
C GLY B 150 22.31 -40.12 -2.27
N TYR B 151 21.65 -38.98 -2.05
CA TYR B 151 20.20 -38.90 -2.22
C TYR B 151 19.75 -37.49 -2.60
N THR B 152 18.59 -37.39 -3.24
CA THR B 152 18.12 -36.13 -3.78
C THR B 152 16.62 -36.04 -3.56
N SER B 153 16.14 -34.89 -3.10
CA SER B 153 14.71 -34.72 -2.80
C SER B 153 13.80 -35.30 -3.87
N LYS B 154 12.84 -36.13 -3.45
CA LYS B 154 11.89 -36.69 -4.41
C LYS B 154 10.93 -35.64 -4.94
N GLU B 155 10.98 -34.43 -4.37
CA GLU B 155 10.15 -33.32 -4.82
C GLU B 155 10.75 -32.61 -6.01
N THR B 156 11.97 -33.00 -6.38
CA THR B 156 12.68 -32.36 -7.49
C THR B 156 11.85 -32.07 -8.77
N PRO B 157 11.00 -33.03 -9.21
CA PRO B 157 10.20 -32.71 -10.40
C PRO B 157 9.29 -31.47 -10.27
N PHE B 158 8.84 -31.15 -9.05
CA PHE B 158 8.03 -29.96 -8.84
C PHE B 158 8.84 -28.73 -8.39
N LEU B 159 10.16 -28.88 -8.31
CA LEU B 159 11.02 -27.78 -7.86
C LEU B 159 11.93 -27.32 -8.99
N SER B 160 12.23 -28.21 -9.92
CA SER B 160 13.22 -27.95 -10.96
C SER B 160 12.78 -28.55 -12.29
N ASN B 161 13.69 -28.67 -13.25
CA ASN B 161 13.33 -29.17 -14.57
C ASN B 161 14.05 -30.46 -15.00
N PRO B 162 13.92 -31.54 -14.23
CA PRO B 162 14.73 -32.71 -14.55
C PRO B 162 14.22 -33.48 -15.79
N GLY B 163 13.02 -33.16 -16.24
CA GLY B 163 12.49 -33.81 -17.43
C GLY B 163 11.73 -35.08 -17.10
N THR B 164 11.11 -35.67 -18.12
CA THR B 164 10.19 -36.78 -17.93
C THR B 164 10.90 -38.13 -17.96
N ASN B 165 12.20 -38.11 -18.24
CA ASN B 165 12.95 -39.36 -18.29
C ASN B 165 13.77 -39.67 -17.04
N LEU B 166 13.55 -38.90 -15.97
CA LEU B 166 14.14 -39.24 -14.69
C LEU B 166 13.04 -39.57 -13.68
N VAL B 167 13.24 -40.63 -12.92
CA VAL B 167 12.31 -41.00 -11.86
C VAL B 167 12.98 -40.75 -10.51
N PHE B 168 12.23 -40.14 -9.60
CA PHE B 168 12.75 -39.82 -8.26
C PHE B 168 12.06 -40.69 -7.21
N GLU B 169 12.76 -41.71 -6.74
CA GLU B 169 12.18 -42.66 -5.80
C GLU B 169 12.29 -42.16 -4.36
N ASP B 170 11.55 -42.78 -3.45
CA ASP B 170 11.66 -42.50 -2.03
C ASP B 170 13.08 -42.72 -1.57
N GLU B 171 13.59 -41.74 -0.82
CA GLU B 171 14.99 -41.78 -0.38
C GLU B 171 15.29 -43.03 0.44
N ILE B 172 14.44 -43.33 1.41
CA ILE B 172 14.75 -44.39 2.36
C ILE B 172 14.75 -45.77 1.68
N THR B 173 13.77 -46.01 0.84
CA THR B 173 13.66 -47.29 0.16
C THR B 173 14.78 -47.46 -0.86
N ALA B 174 15.21 -46.38 -1.49
CA ALA B 174 16.27 -46.45 -2.50
C ALA B 174 17.66 -46.52 -1.89
N LEU B 175 17.81 -45.97 -0.69
CA LEU B 175 19.10 -46.00 -0.01
C LEU B 175 19.42 -47.38 0.55
N GLN B 176 18.45 -48.03 1.18
CA GLN B 176 18.70 -49.28 1.88
C GLN B 176 19.43 -50.37 1.07
N PRO B 177 19.00 -50.65 -0.16
CA PRO B 177 19.75 -51.67 -0.90
C PRO B 177 21.19 -51.25 -1.25
N GLU B 178 21.42 -49.96 -1.50
CA GLU B 178 22.79 -49.46 -1.74
C GLU B 178 23.66 -49.63 -0.50
N VAL B 179 23.11 -49.27 0.65
CA VAL B 179 23.82 -49.48 1.90
C VAL B 179 24.10 -50.98 2.12
N ASP B 180 23.11 -51.82 1.84
CA ASP B 180 23.28 -53.27 1.94
C ASP B 180 24.42 -53.75 1.02
N LYS B 181 24.48 -53.22 -0.19
CA LYS B 181 25.54 -53.60 -1.12
C LYS B 181 26.91 -53.27 -0.55
N LEU B 182 27.02 -52.09 0.06
CA LEU B 182 28.28 -51.66 0.69
C LEU B 182 28.70 -52.58 1.85
N LYS B 183 27.73 -53.01 2.65
CA LYS B 183 27.98 -54.01 3.69
C LYS B 183 28.54 -55.33 3.11
N THR B 184 27.96 -55.77 2.01
CA THR B 184 28.43 -56.98 1.35
C THR B 184 29.92 -56.86 1.01
N LEU B 185 30.31 -55.66 0.59
CA LEU B 185 31.69 -55.36 0.24
C LEU B 185 32.50 -55.08 1.49
N ASN B 186 31.94 -55.39 2.66
CA ASN B 186 32.57 -55.17 3.96
C ASN B 186 33.06 -53.73 4.23
N VAL B 187 32.32 -52.77 3.70
CA VAL B 187 32.53 -51.37 4.05
C VAL B 187 31.74 -51.09 5.34
N ASN B 188 32.43 -50.77 6.44
CA ASN B 188 31.76 -50.66 7.73
C ASN B 188 31.56 -49.23 8.21
N LYS B 189 32.13 -48.28 7.50
CA LYS B 189 31.88 -46.86 7.76
C LYS B 189 31.08 -46.21 6.62
N ILE B 190 29.85 -45.80 6.92
CA ILE B 190 28.93 -45.30 5.90
C ILE B 190 28.38 -43.91 6.16
N ILE B 191 28.56 -43.02 5.19
CA ILE B 191 27.98 -41.69 5.22
C ILE B 191 26.85 -41.56 4.20
N ALA B 192 25.66 -41.16 4.65
CA ALA B 192 24.59 -40.74 3.75
C ALA B 192 24.75 -39.25 3.49
N LEU B 193 24.94 -38.89 2.22
CA LEU B 193 25.15 -37.50 1.81
C LEU B 193 24.04 -37.14 0.83
N GLY B 194 23.22 -36.13 1.15
CA GLY B 194 22.10 -35.85 0.28
C GLY B 194 21.33 -34.57 0.50
N HIS B 195 20.34 -34.35 -0.36
CA HIS B 195 19.67 -33.07 -0.48
C HIS B 195 18.16 -33.18 -0.40
N SER B 196 17.62 -33.48 0.78
CA SER B 196 16.18 -33.62 0.96
C SER B 196 15.62 -32.80 2.13
N GLY B 197 16.50 -32.19 2.93
CA GLY B 197 16.02 -31.38 4.06
C GLY B 197 16.19 -32.08 5.39
N PHE B 198 16.18 -31.29 6.45
CA PHE B 198 16.54 -31.75 7.78
C PHE B 198 15.62 -32.86 8.27
N GLU B 199 14.33 -32.74 7.97
CA GLU B 199 13.36 -33.73 8.42
C GLU B 199 13.59 -35.09 7.80
N MET B 200 13.79 -35.13 6.47
CA MET B 200 14.14 -36.36 5.79
C MET B 200 15.49 -36.89 6.26
N ASP B 201 16.44 -36.00 6.56
CA ASP B 201 17.78 -36.42 7.00
C ASP B 201 17.65 -37.21 8.30
N LYS B 202 16.78 -36.75 9.19
CA LYS B 202 16.57 -37.42 10.49
C LYS B 202 15.86 -38.77 10.32
N LEU B 203 14.94 -38.84 9.36
CA LEU B 203 14.26 -40.07 9.02
C LEU B 203 15.25 -41.08 8.43
N ILE B 204 16.19 -40.59 7.64
CA ILE B 204 17.21 -41.44 7.04
C ILE B 204 18.10 -42.00 8.14
N ALA B 205 18.56 -41.13 9.03
CA ALA B 205 19.34 -41.52 10.20
C ALA B 205 18.62 -42.58 11.03
N GLN B 206 17.29 -42.49 11.09
CA GLN B 206 16.52 -43.38 11.96
C GLN B 206 16.25 -44.75 11.33
N LYS B 207 15.95 -44.76 10.04
CA LYS B 207 15.36 -45.94 9.43
C LYS B 207 16.28 -46.70 8.45
N VAL B 208 17.34 -46.06 7.97
CA VAL B 208 18.26 -46.74 7.05
C VAL B 208 19.37 -47.44 7.83
N ARG B 209 19.19 -48.75 8.03
CA ARG B 209 20.13 -49.56 8.81
C ARG B 209 21.53 -49.54 8.20
N GLY B 210 22.54 -49.21 8.99
CA GLY B 210 23.91 -49.19 8.52
C GLY B 210 24.52 -47.81 8.31
N VAL B 211 23.69 -46.79 8.24
CA VAL B 211 24.18 -45.42 8.09
C VAL B 211 24.78 -44.93 9.41
N ASP B 212 25.99 -44.37 9.34
CA ASP B 212 26.70 -43.91 10.54
C ASP B 212 26.52 -42.42 10.78
N VAL B 213 26.42 -41.66 9.69
CA VAL B 213 26.40 -40.19 9.73
C VAL B 213 25.55 -39.70 8.57
N VAL B 214 24.72 -38.69 8.81
CA VAL B 214 23.96 -38.07 7.74
C VAL B 214 24.44 -36.63 7.51
N VAL B 215 24.84 -36.32 6.27
CA VAL B 215 25.26 -34.97 5.93
C VAL B 215 24.26 -34.43 4.92
N GLY B 216 23.57 -33.35 5.29
CA GLY B 216 22.39 -32.93 4.56
C GLY B 216 22.39 -31.52 4.00
N GLY B 217 21.23 -31.08 3.53
CA GLY B 217 21.08 -29.77 2.96
C GLY B 217 19.63 -29.48 2.67
N HIS B 218 19.38 -28.56 1.72
CA HIS B 218 18.05 -28.23 1.21
C HIS B 218 17.22 -27.31 2.13
N SER B 219 17.18 -27.61 3.43
CA SER B 219 16.47 -26.75 4.37
C SER B 219 17.33 -25.59 4.92
N ASN B 220 18.57 -25.45 4.46
CA ASN B 220 19.48 -24.39 4.93
C ASN B 220 19.58 -24.37 6.46
N THR B 221 19.67 -25.56 7.05
CA THR B 221 19.59 -25.68 8.50
C THR B 221 20.88 -25.26 9.17
N PHE B 222 20.78 -24.34 10.13
CA PHE B 222 21.95 -23.96 10.92
C PHE B 222 21.91 -24.73 12.24
N LEU B 223 22.93 -25.57 12.47
CA LEU B 223 23.04 -26.28 13.73
C LEU B 223 24.30 -25.79 14.41
N TYR B 224 24.28 -25.68 15.73
CA TYR B 224 25.41 -25.17 16.49
C TYR B 224 25.39 -25.63 17.94
N THR B 225 26.57 -25.87 18.49
CA THR B 225 26.68 -26.21 19.91
C THR B 225 27.41 -25.07 20.63
N GLY B 226 26.68 -24.30 21.44
CA GLY B 226 27.27 -23.18 22.15
C GLY B 226 26.71 -21.85 21.66
N ASN B 227 27.46 -20.76 21.84
CA ASN B 227 27.03 -19.46 21.38
C ASN B 227 27.40 -19.25 19.92
N PRO B 228 26.40 -19.08 19.06
CA PRO B 228 26.61 -18.91 17.61
C PRO B 228 27.47 -17.68 17.32
N PRO B 229 28.25 -17.72 16.24
CA PRO B 229 29.18 -16.62 15.95
C PRO B 229 28.58 -15.50 15.11
N SER B 230 27.33 -15.63 14.69
CA SER B 230 26.77 -14.61 13.79
C SER B 230 25.27 -14.53 14.00
N LYS B 231 24.54 -14.08 12.98
CA LYS B 231 23.11 -13.83 13.08
C LYS B 231 22.23 -15.08 12.99
N GLU B 232 22.73 -16.13 12.34
CA GLU B 232 21.91 -17.33 12.18
C GLU B 232 21.61 -17.95 13.53
N VAL B 233 20.35 -18.32 13.70
CA VAL B 233 19.86 -18.94 14.93
C VAL B 233 19.81 -20.45 14.78
N PRO B 234 20.45 -21.19 15.70
CA PRO B 234 20.52 -22.65 15.60
C PRO B 234 19.15 -23.29 15.74
N ALA B 235 18.89 -24.32 14.94
CA ALA B 235 17.66 -25.07 15.04
C ALA B 235 17.87 -26.26 15.98
N GLY B 236 19.11 -26.45 16.41
CA GLY B 236 19.47 -27.58 17.25
C GLY B 236 20.97 -27.63 17.44
N LYS B 237 21.42 -28.60 18.21
CA LYS B 237 22.85 -28.78 18.47
C LYS B 237 23.58 -29.35 17.25
N TYR B 238 24.88 -29.09 17.15
CA TYR B 238 25.73 -29.67 16.11
C TYR B 238 26.73 -30.63 16.75
N PRO B 239 26.65 -31.92 16.39
CA PRO B 239 25.68 -32.52 15.48
C PRO B 239 24.32 -32.71 16.12
N PHE B 240 23.27 -32.88 15.31
CA PHE B 240 21.98 -33.28 15.83
C PHE B 240 21.95 -34.80 15.98
N ILE B 241 21.67 -35.28 17.19
CA ILE B 241 21.71 -36.73 17.44
C ILE B 241 20.34 -37.41 17.27
N VAL B 242 20.31 -38.38 16.36
CA VAL B 242 19.11 -39.19 16.14
C VAL B 242 19.36 -40.57 16.74
N THR B 243 18.34 -41.14 17.38
CA THR B 243 18.45 -42.51 17.85
C THR B 243 17.81 -43.44 16.83
N SER B 244 18.62 -44.25 16.17
CA SER B 244 18.10 -45.11 15.10
C SER B 244 17.20 -46.21 15.65
N ASP B 245 16.58 -46.96 14.74
CA ASP B 245 15.76 -48.08 15.14
C ASP B 245 16.62 -49.27 15.62
N ASP B 246 17.93 -49.18 15.38
CA ASP B 246 18.88 -50.19 15.85
C ASP B 246 19.32 -49.93 17.27
N GLY B 247 19.03 -48.73 17.77
CA GLY B 247 19.51 -48.32 19.07
C GLY B 247 20.78 -47.48 18.99
N ARG B 248 21.30 -47.28 17.78
CA ARG B 248 22.52 -46.48 17.62
C ARG B 248 22.24 -44.98 17.62
N LYS B 249 23.25 -44.22 18.03
CA LYS B 249 23.22 -42.77 17.94
C LYS B 249 23.83 -42.35 16.60
N VAL B 250 23.06 -41.61 15.81
CA VAL B 250 23.50 -41.19 14.49
C VAL B 250 23.55 -39.68 14.41
N PRO B 251 24.76 -39.11 14.23
CA PRO B 251 24.86 -37.65 14.08
C PRO B 251 24.31 -37.17 12.73
N VAL B 252 23.55 -36.08 12.76
CA VAL B 252 23.01 -35.45 11.57
C VAL B 252 23.52 -34.01 11.52
N VAL B 253 24.18 -33.64 10.43
CA VAL B 253 24.70 -32.28 10.32
C VAL B 253 24.28 -31.60 9.01
N GLN B 254 24.22 -30.27 9.06
CA GLN B 254 23.99 -29.44 7.89
C GLN B 254 24.85 -28.19 8.16
N ALA B 255 25.05 -27.32 7.16
CA ALA B 255 25.86 -26.14 7.40
C ALA B 255 25.32 -24.85 6.76
N TYR B 256 24.07 -24.54 7.09
CA TYR B 256 23.38 -23.33 6.63
C TYR B 256 23.35 -23.22 5.09
N ALA B 257 23.99 -22.21 4.49
CA ALA B 257 23.88 -22.01 3.06
C ALA B 257 24.83 -20.91 2.61
N PHE B 258 24.95 -20.76 1.29
CA PHE B 258 25.64 -19.64 0.67
C PHE B 258 27.14 -19.55 0.96
N GLY B 259 27.73 -20.67 1.40
CA GLY B 259 29.16 -20.73 1.63
C GLY B 259 29.66 -19.91 2.82
N LYS B 260 28.73 -19.54 3.68
CA LYS B 260 29.04 -18.68 4.82
C LYS B 260 29.87 -19.44 5.86
N TYR B 261 29.53 -20.71 6.05
CA TYR B 261 30.18 -21.59 6.99
C TYR B 261 30.73 -22.84 6.31
N LEU B 262 31.78 -23.40 6.91
CA LEU B 262 32.26 -24.72 6.57
C LEU B 262 31.84 -25.68 7.67
N GLY B 263 31.05 -26.69 7.32
CA GLY B 263 30.69 -27.73 8.27
C GLY B 263 31.94 -28.48 8.69
N TYR B 264 32.05 -28.81 9.98
CA TYR B 264 33.23 -29.48 10.53
C TYR B 264 32.81 -30.47 11.62
N LEU B 265 32.89 -31.75 11.30
CA LEU B 265 32.48 -32.79 12.24
C LEU B 265 33.59 -33.81 12.41
N LYS B 266 33.97 -34.04 13.67
CA LYS B 266 35.00 -35.02 14.00
C LYS B 266 34.34 -36.28 14.54
N ILE B 267 34.66 -37.41 13.95
CA ILE B 267 34.03 -38.63 14.41
C ILE B 267 35.02 -39.75 14.74
N GLU B 268 34.84 -40.32 15.93
CA GLU B 268 35.67 -41.41 16.40
C GLU B 268 35.01 -42.73 16.06
N PHE B 269 35.70 -43.53 15.26
CA PHE B 269 35.22 -44.85 14.89
C PHE B 269 36.00 -45.93 15.66
N ASP B 270 35.33 -47.01 16.03
CA ASP B 270 36.03 -48.19 16.51
C ASP B 270 36.40 -49.07 15.33
N GLU B 271 37.09 -50.17 15.60
CA GLU B 271 37.54 -51.11 14.58
C GLU B 271 36.43 -51.67 13.68
N ARG B 272 35.21 -51.76 14.22
CA ARG B 272 34.07 -52.30 13.46
C ARG B 272 33.22 -51.23 12.76
N GLY B 273 33.70 -50.00 12.72
CA GLY B 273 32.99 -48.93 12.04
C GLY B 273 31.77 -48.43 12.79
N ASN B 274 31.80 -48.55 14.11
CA ASN B 274 30.76 -47.98 14.96
C ASN B 274 31.23 -46.61 15.45
N VAL B 275 30.34 -45.64 15.39
CA VAL B 275 30.61 -44.31 15.93
C VAL B 275 30.66 -44.37 17.45
N ILE B 276 31.82 -44.06 18.02
CA ILE B 276 31.98 -43.99 19.46
C ILE B 276 31.52 -42.63 19.95
N SER B 277 31.97 -41.60 19.26
CA SER B 277 31.59 -40.22 19.57
C SER B 277 31.74 -39.31 18.33
N SER B 278 31.15 -38.12 18.42
CA SER B 278 31.31 -37.10 17.39
C SER B 278 31.14 -35.73 18.02
N HIS B 279 31.92 -34.77 17.54
CA HIS B 279 31.77 -33.39 17.97
C HIS B 279 32.27 -32.48 16.86
N GLY B 280 31.88 -31.21 16.94
CA GLY B 280 32.36 -30.22 15.99
C GLY B 280 31.45 -29.01 16.03
N ASN B 281 31.45 -28.24 14.94
CA ASN B 281 30.67 -27.03 14.77
C ASN B 281 30.98 -26.45 13.40
N PRO B 282 29.98 -25.79 12.77
CA PRO B 282 30.30 -25.08 11.52
C PRO B 282 31.33 -24.01 11.80
N ILE B 283 32.19 -23.74 10.84
CA ILE B 283 33.22 -22.71 11.00
C ILE B 283 32.82 -21.50 10.21
N LEU B 284 32.69 -20.35 10.86
CA LEU B 284 32.25 -19.14 10.17
C LEU B 284 33.39 -18.61 9.34
N LEU B 285 33.16 -18.50 8.03
CA LEU B 285 34.22 -18.05 7.14
C LEU B 285 34.25 -16.53 7.05
N ASN B 286 34.60 -15.88 8.16
CA ASN B 286 34.72 -14.42 8.19
C ASN B 286 36.11 -13.93 7.79
N SER B 287 36.34 -12.62 7.93
CA SER B 287 37.58 -12.01 7.47
C SER B 287 38.84 -12.40 8.26
N SER B 288 38.68 -13.12 9.37
CA SER B 288 39.84 -13.68 10.06
C SER B 288 40.52 -14.75 9.22
N ILE B 289 39.83 -15.28 8.22
CA ILE B 289 40.43 -16.23 7.31
C ILE B 289 40.71 -15.55 5.97
N PRO B 290 41.97 -15.50 5.57
CA PRO B 290 42.33 -14.83 4.30
C PRO B 290 41.91 -15.63 3.07
N GLU B 291 41.61 -14.90 2.00
CA GLU B 291 41.35 -15.54 0.73
C GLU B 291 42.64 -16.04 0.15
N ASP B 292 42.65 -17.32 -0.25
CA ASP B 292 43.79 -17.89 -0.95
C ASP B 292 44.10 -17.06 -2.19
N PRO B 293 45.31 -16.49 -2.25
CA PRO B 293 45.73 -15.60 -3.34
C PRO B 293 45.57 -16.23 -4.71
N SER B 294 45.81 -17.54 -4.80
CA SER B 294 45.75 -18.22 -6.07
C SER B 294 44.32 -18.44 -6.55
N ILE B 295 43.42 -18.86 -5.65
CA ILE B 295 42.02 -19.01 -6.02
C ILE B 295 41.41 -17.63 -6.33
N LYS B 296 41.72 -16.64 -5.50
CA LYS B 296 41.25 -15.27 -5.72
C LYS B 296 41.63 -14.74 -7.11
N ALA B 297 42.84 -15.07 -7.54
CA ALA B 297 43.36 -14.61 -8.82
C ALA B 297 42.64 -15.30 -9.96
N ASP B 298 42.27 -16.56 -9.75
CA ASP B 298 41.52 -17.30 -10.74
C ASP B 298 40.08 -16.75 -10.78
N ILE B 299 39.50 -16.49 -9.62
CA ILE B 299 38.19 -15.85 -9.52
C ILE B 299 38.19 -14.48 -10.21
N ASN B 300 39.21 -13.66 -9.90
CA ASN B 300 39.32 -12.34 -10.50
C ASN B 300 39.44 -12.38 -12.03
N LYS B 301 40.05 -13.45 -12.55
CA LYS B 301 40.14 -13.66 -13.99
C LYS B 301 38.78 -13.95 -14.60
N TRP B 302 38.08 -14.96 -14.09
CA TRP B 302 36.74 -15.30 -14.59
C TRP B 302 35.74 -14.14 -14.44
N ARG B 303 35.96 -13.30 -13.43
CA ARG B 303 35.03 -12.23 -13.09
C ARG B 303 34.93 -11.18 -14.20
N ILE B 304 35.97 -11.11 -15.03
CA ILE B 304 36.04 -10.11 -16.08
C ILE B 304 34.83 -10.19 -17.03
N LYS B 305 34.51 -11.39 -17.48
CA LYS B 305 33.37 -11.61 -18.37
C LYS B 305 32.02 -11.25 -17.73
N LEU B 306 32.04 -10.90 -16.44
CA LEU B 306 30.79 -10.63 -15.72
C LEU B 306 30.52 -9.13 -15.57
N ASP B 307 31.54 -8.31 -15.81
CA ASP B 307 31.38 -6.85 -15.72
C ASP B 307 30.77 -6.27 -17.01
N SER B 310 28.19 -6.35 -14.64
CA SER B 310 27.09 -5.43 -14.42
C SER B 310 27.35 -4.44 -13.27
N THR B 311 27.08 -3.13 -13.40
CA THR B 311 26.94 -2.23 -14.59
C THR B 311 26.23 -0.91 -14.17
N GLN B 312 25.18 -0.51 -14.88
CA GLN B 312 24.45 0.74 -14.58
C GLN B 312 23.35 0.59 -13.52
N GLU B 313 23.08 1.69 -12.84
CA GLU B 313 22.05 1.75 -11.81
C GLU B 313 20.64 1.76 -12.40
N LEU B 314 19.83 0.76 -12.03
CA LEU B 314 18.44 0.72 -12.46
C LEU B 314 17.58 1.75 -11.73
N GLY B 315 17.98 2.06 -10.50
CA GLY B 315 17.19 2.90 -9.63
C GLY B 315 17.76 2.85 -8.22
N LYS B 316 17.03 3.39 -7.27
CA LYS B 316 17.49 3.47 -5.89
C LYS B 316 16.48 2.87 -4.94
N THR B 317 16.97 2.18 -3.91
CA THR B 317 16.11 1.81 -2.80
C THR B 317 16.59 2.54 -1.57
N ILE B 318 15.66 2.97 -0.73
CA ILE B 318 16.02 3.64 0.51
C ILE B 318 15.66 2.75 1.68
N VAL B 319 15.24 1.54 1.38
CA VAL B 319 15.01 0.55 2.44
C VAL B 319 15.80 -0.71 2.12
N TYR B 320 16.18 -1.44 3.17
CA TYR B 320 16.73 -2.78 3.00
C TYR B 320 15.69 -3.60 2.27
N LEU B 321 16.08 -4.26 1.19
CA LEU B 321 15.16 -5.14 0.50
C LEU B 321 15.40 -6.56 1.02
N ASP B 322 14.55 -6.97 1.96
CA ASP B 322 14.67 -8.26 2.61
C ASP B 322 14.11 -9.38 1.75
N GLY B 323 14.99 -9.97 0.95
CA GLY B 323 14.66 -11.17 0.18
C GLY B 323 15.36 -12.40 0.73
N SER B 324 15.69 -12.40 2.02
CA SER B 324 16.26 -13.58 2.68
C SER B 324 15.20 -14.65 2.85
N SER B 325 15.62 -15.89 2.80
CA SER B 325 14.70 -17.01 2.92
C SER B 325 14.09 -17.11 4.32
N GLN B 326 14.87 -16.74 5.35
CA GLN B 326 14.37 -16.75 6.72
C GLN B 326 13.23 -15.78 6.92
N SER B 327 13.14 -14.77 6.05
CA SER B 327 11.96 -13.91 6.05
C SER B 327 10.90 -14.46 5.08
N CYS B 328 11.23 -14.50 3.79
CA CYS B 328 10.24 -14.73 2.74
C CYS B 328 9.60 -16.13 2.73
N ARG B 329 10.20 -17.08 3.44
CA ARG B 329 9.59 -18.40 3.54
C ARG B 329 8.89 -18.58 4.88
N PHE B 330 8.79 -17.51 5.65
CA PHE B 330 8.23 -17.62 7.00
C PHE B 330 7.19 -16.55 7.33
N ARG B 331 7.27 -15.42 6.65
CA ARG B 331 6.39 -14.29 6.97
C ARG B 331 6.38 -13.30 5.82
N GLU B 332 5.57 -12.24 5.94
CA GLU B 332 5.57 -11.18 4.96
C GLU B 332 6.98 -10.57 4.89
N CYS B 333 7.55 -10.49 3.70
CA CYS B 333 8.82 -9.79 3.51
C CYS B 333 8.67 -8.69 2.45
N ASN B 334 9.36 -7.58 2.63
CA ASN B 334 9.16 -6.43 1.74
C ASN B 334 9.67 -6.62 0.33
N MET B 335 10.59 -7.58 0.13
CA MET B 335 11.01 -7.89 -1.23
C MET B 335 9.86 -8.56 -1.99
N GLY B 336 9.12 -9.41 -1.29
CA GLY B 336 7.96 -10.08 -1.87
C GLY B 336 6.89 -9.07 -2.23
N ASN B 337 6.66 -8.11 -1.34
CA ASN B 337 5.70 -7.04 -1.61
C ASN B 337 6.09 -6.23 -2.84
N LEU B 338 7.38 -5.91 -2.94
CA LEU B 338 7.93 -5.19 -4.08
C LEU B 338 7.70 -5.95 -5.38
N ILE B 339 8.02 -7.25 -5.38
CA ILE B 339 7.85 -8.03 -6.59
C ILE B 339 6.35 -8.16 -6.97
N CYS B 340 5.49 -8.42 -6.00
CA CYS B 340 4.07 -8.51 -6.31
C CYS B 340 3.51 -7.16 -6.80
N ASP B 341 3.90 -6.07 -6.16
CA ASP B 341 3.42 -4.77 -6.61
C ASP B 341 3.94 -4.43 -8.00
N ALA B 342 5.16 -4.88 -8.32
CA ALA B 342 5.72 -4.67 -9.65
C ALA B 342 4.99 -5.54 -10.69
N MET B 343 4.65 -6.77 -10.31
CA MET B 343 3.89 -7.67 -11.18
C MET B 343 2.57 -7.03 -11.56
N ILE B 344 1.89 -6.48 -10.56
CA ILE B 344 0.58 -5.87 -10.76
C ILE B 344 0.70 -4.60 -11.60
N ASN B 345 1.68 -3.77 -11.25
CA ASN B 345 1.87 -2.49 -11.90
C ASN B 345 2.20 -2.64 -13.36
N ASN B 346 3.15 -3.52 -13.66
CA ASN B 346 3.53 -3.77 -15.04
C ASN B 346 2.32 -4.21 -15.85
N ASN B 347 1.58 -5.18 -15.32
CA ASN B 347 0.43 -5.68 -16.06
C ASN B 347 -0.64 -4.60 -16.28
N LEU B 348 -0.90 -3.78 -15.26
CA LEU B 348 -1.94 -2.74 -15.35
C LEU B 348 -1.67 -1.71 -16.43
N ARG B 349 -0.40 -1.34 -16.60
CA ARG B 349 -0.08 -0.32 -17.59
C ARG B 349 0.32 -0.91 -18.95
N HIS B 350 0.44 -2.23 -19.05
CA HIS B 350 0.92 -2.87 -20.27
C HIS B 350 0.14 -4.14 -20.65
N MET B 354 -10.18 -5.15 -22.10
CA MET B 354 -9.10 -6.10 -21.81
C MET B 354 -9.35 -6.87 -20.51
N PHE B 355 -9.27 -8.19 -20.61
CA PHE B 355 -9.66 -9.12 -19.56
C PHE B 355 -8.84 -8.97 -18.27
N TRP B 356 -7.57 -8.62 -18.41
CA TRP B 356 -6.66 -8.56 -17.27
C TRP B 356 -6.34 -7.14 -16.81
N ASN B 357 -6.93 -6.14 -17.43
CA ASN B 357 -6.50 -4.77 -17.20
C ASN B 357 -6.97 -4.15 -15.88
N HIS B 358 -7.58 -4.97 -15.02
CA HIS B 358 -7.90 -4.53 -13.66
C HIS B 358 -7.28 -5.42 -12.58
N VAL B 359 -6.46 -6.37 -13.00
CA VAL B 359 -5.93 -7.38 -12.07
C VAL B 359 -5.22 -6.71 -10.88
N SER B 360 -5.62 -7.07 -9.68
CA SER B 360 -5.06 -6.43 -8.48
C SER B 360 -4.54 -7.43 -7.44
N MET B 361 -4.61 -8.73 -7.76
CA MET B 361 -4.24 -9.80 -6.85
C MET B 361 -3.02 -10.55 -7.37
N CYS B 362 -2.09 -10.81 -6.45
CA CYS B 362 -0.82 -11.43 -6.80
C CYS B 362 -0.43 -12.44 -5.75
N ILE B 363 0.11 -13.58 -6.20
CA ILE B 363 0.81 -14.50 -5.29
C ILE B 363 2.18 -14.90 -5.87
N LEU B 364 3.13 -15.15 -4.97
CA LEU B 364 4.51 -15.42 -5.34
C LEU B 364 5.16 -16.31 -4.27
N ASN B 365 5.66 -17.49 -4.66
CA ASN B 365 6.28 -18.38 -3.67
C ASN B 365 7.59 -17.77 -3.16
N GLY B 366 7.76 -17.76 -1.85
CA GLY B 366 8.99 -17.25 -1.25
C GLY B 366 10.22 -17.96 -1.79
N GLY B 367 10.05 -19.23 -2.18
CA GLY B 367 11.11 -20.03 -2.74
C GLY B 367 11.63 -19.52 -4.07
N GLY B 368 10.84 -18.67 -4.72
CA GLY B 368 11.30 -18.01 -5.94
C GLY B 368 12.10 -16.75 -5.65
N ILE B 369 12.15 -16.32 -4.39
CA ILE B 369 12.90 -15.12 -4.01
C ILE B 369 14.27 -15.51 -3.42
N ARG B 370 15.35 -15.24 -4.17
CA ARG B 370 16.62 -15.93 -3.92
C ARG B 370 17.71 -15.10 -3.26
N SER B 371 17.44 -13.82 -3.03
CA SER B 371 18.43 -12.96 -2.37
C SER B 371 17.84 -11.63 -1.94
N PRO B 372 18.37 -11.08 -0.84
CA PRO B 372 18.07 -9.69 -0.50
C PRO B 372 18.95 -8.73 -1.31
N ILE B 373 18.67 -7.43 -1.19
CA ILE B 373 19.48 -6.38 -1.79
C ILE B 373 19.71 -5.30 -0.73
N ASP B 374 20.97 -4.95 -0.51
CA ASP B 374 21.36 -4.01 0.53
C ASP B 374 21.14 -2.57 0.06
N GLU B 375 20.60 -1.73 0.95
CA GLU B 375 20.34 -0.34 0.60
C GLU B 375 21.52 0.60 0.90
N ARG B 376 22.50 0.12 1.66
CA ARG B 376 23.56 1.01 2.17
C ARG B 376 24.67 1.30 1.17
N ASN B 377 24.48 0.86 -0.07
CA ASN B 377 25.44 1.14 -1.13
C ASN B 377 25.03 2.39 -1.93
N ASN B 378 24.80 3.50 -1.23
CA ASN B 378 24.22 4.69 -1.88
C ASN B 378 22.87 4.36 -2.53
N GLY B 379 22.18 3.35 -2.00
CA GLY B 379 20.86 2.98 -2.47
C GLY B 379 20.83 2.33 -3.85
N THR B 380 21.98 2.20 -4.48
CA THR B 380 22.03 1.72 -5.86
C THR B 380 21.56 0.28 -6.04
N ILE B 381 20.81 0.04 -7.12
CA ILE B 381 20.37 -1.30 -7.52
C ILE B 381 20.84 -1.55 -8.95
N THR B 382 21.63 -2.61 -9.14
CA THR B 382 22.15 -2.94 -10.46
C THR B 382 21.48 -4.18 -10.98
N TRP B 383 21.77 -4.51 -12.24
CA TRP B 383 21.24 -5.72 -12.84
C TRP B 383 21.76 -6.96 -12.12
N GLU B 384 23.02 -6.92 -11.72
CA GLU B 384 23.61 -8.00 -10.95
C GLU B 384 22.88 -8.28 -9.64
N ASN B 385 22.61 -7.24 -8.86
CA ASN B 385 21.79 -7.39 -7.65
C ASN B 385 20.46 -8.08 -7.94
N LEU B 386 19.77 -7.63 -8.98
CA LEU B 386 18.46 -8.15 -9.33
C LEU B 386 18.52 -9.59 -9.80
N ALA B 387 19.55 -9.91 -10.58
CA ALA B 387 19.73 -11.25 -11.12
C ALA B 387 19.89 -12.29 -10.00
N ALA B 388 20.38 -11.84 -8.84
CA ALA B 388 20.57 -12.75 -7.72
C ALA B 388 19.23 -13.03 -7.04
N VAL B 389 18.31 -12.07 -7.17
CA VAL B 389 16.98 -12.21 -6.59
C VAL B 389 16.06 -13.05 -7.49
N LEU B 390 16.15 -12.81 -8.80
CA LEU B 390 15.28 -13.52 -9.75
C LEU B 390 16.12 -14.15 -10.86
N PRO B 391 16.67 -15.34 -10.58
CA PRO B 391 17.62 -15.92 -11.54
C PRO B 391 17.01 -16.89 -12.54
N PHE B 392 15.73 -17.26 -12.40
CA PHE B 392 15.20 -18.41 -13.12
C PHE B 392 14.72 -18.16 -14.57
N GLY B 393 14.59 -16.91 -14.97
CA GLY B 393 14.13 -16.59 -16.32
C GLY B 393 12.71 -17.04 -16.57
N GLY B 394 11.84 -16.86 -15.57
CA GLY B 394 10.46 -17.26 -15.72
C GLY B 394 9.62 -16.07 -16.16
N THR B 395 8.30 -16.25 -16.19
CA THR B 395 7.42 -15.15 -16.55
C THR B 395 6.35 -14.95 -15.48
N PHE B 396 5.81 -13.74 -15.43
CA PHE B 396 4.68 -13.43 -14.55
C PHE B 396 3.37 -13.57 -15.32
N ASP B 397 2.65 -14.67 -15.10
CA ASP B 397 1.47 -15.00 -15.89
C ASP B 397 0.16 -14.60 -15.21
N LEU B 398 -0.92 -14.61 -15.99
CA LEU B 398 -2.24 -14.30 -15.48
C LEU B 398 -3.10 -15.55 -15.51
N VAL B 399 -3.75 -15.83 -14.39
CA VAL B 399 -4.64 -16.96 -14.30
C VAL B 399 -5.99 -16.55 -13.74
N GLN B 400 -6.99 -17.37 -13.99
CA GLN B 400 -8.33 -17.16 -13.52
C GLN B 400 -8.60 -18.32 -12.59
N LEU B 401 -8.97 -18.05 -11.34
CA LEU B 401 -9.10 -19.12 -10.34
C LEU B 401 -10.38 -19.01 -9.54
N LYS B 402 -11.04 -20.15 -9.32
CA LYS B 402 -12.10 -20.24 -8.33
C LYS B 402 -11.56 -19.83 -6.97
N GLY B 403 -12.46 -19.33 -6.11
CA GLY B 403 -12.12 -19.02 -4.74
C GLY B 403 -11.59 -20.23 -4.01
N SER B 404 -12.24 -21.37 -4.21
CA SER B 404 -11.91 -22.59 -3.50
C SER B 404 -10.46 -23.02 -3.81
N THR B 405 -10.05 -22.84 -5.05
CA THR B 405 -8.67 -23.08 -5.46
C THR B 405 -7.69 -22.21 -4.68
N LEU B 406 -7.96 -20.90 -4.62
CA LEU B 406 -7.12 -19.96 -3.90
C LEU B 406 -6.98 -20.30 -2.42
N LYS B 407 -8.10 -20.59 -1.76
CA LYS B 407 -8.08 -21.03 -0.37
C LYS B 407 -7.23 -22.30 -0.22
N LYS B 408 -7.37 -23.24 -1.15
CA LYS B 408 -6.51 -24.43 -1.16
C LYS B 408 -5.04 -24.04 -1.28
N ALA B 409 -4.75 -23.08 -2.15
CA ALA B 409 -3.38 -22.65 -2.36
C ALA B 409 -2.81 -22.07 -1.07
N PHE B 410 -3.57 -21.21 -0.41
CA PHE B 410 -3.14 -20.64 0.87
C PHE B 410 -3.00 -21.66 2.00
N GLU B 411 -3.79 -22.71 1.99
CA GLU B 411 -3.59 -23.80 2.94
C GLU B 411 -2.28 -24.53 2.67
N HIS B 412 -2.01 -24.81 1.39
CA HIS B 412 -0.79 -25.49 0.98
C HIS B 412 0.44 -24.68 1.39
N SER B 413 0.30 -23.36 1.29
CA SER B 413 1.34 -22.38 1.61
C SER B 413 1.95 -22.58 2.99
N VAL B 414 1.14 -23.04 3.95
CA VAL B 414 1.60 -23.21 5.32
C VAL B 414 1.37 -24.64 5.83
N HIS B 415 1.11 -25.59 4.91
CA HIS B 415 0.69 -26.93 5.32
C HIS B 415 1.78 -27.69 6.11
N ARG B 416 3.04 -27.37 5.85
CA ARG B 416 4.13 -27.93 6.66
C ARG B 416 5.07 -26.83 7.17
N TYR B 417 4.49 -25.71 7.57
CA TYR B 417 5.25 -24.54 8.02
C TYR B 417 6.33 -24.91 9.01
N GLY B 418 7.50 -24.30 8.88
CA GLY B 418 8.58 -24.47 9.84
C GLY B 418 9.82 -25.16 9.29
N GLN B 419 9.72 -25.68 8.06
CA GLN B 419 10.81 -26.45 7.47
C GLN B 419 11.57 -25.63 6.44
N SER B 420 11.25 -24.34 6.37
CA SER B 420 11.93 -23.45 5.42
C SER B 420 11.77 -23.89 3.96
N THR B 421 10.59 -24.41 3.63
CA THR B 421 10.28 -24.85 2.27
C THR B 421 9.72 -23.71 1.40
N GLY B 422 9.74 -23.89 0.09
CA GLY B 422 9.47 -22.81 -0.83
C GLY B 422 8.02 -22.36 -1.02
N GLU B 423 7.04 -23.14 -0.53
CA GLU B 423 5.61 -22.90 -0.82
C GLU B 423 5.04 -21.62 -0.24
N PHE B 424 5.64 -21.10 0.81
CA PHE B 424 5.06 -19.98 1.54
C PHE B 424 4.83 -18.81 0.59
N LEU B 425 3.61 -18.26 0.59
CA LEU B 425 3.22 -17.25 -0.40
C LEU B 425 3.37 -15.79 0.06
N GLN B 426 4.07 -15.00 -0.74
CA GLN B 426 4.06 -13.55 -0.59
C GLN B 426 2.91 -13.04 -1.47
N VAL B 427 2.36 -11.87 -1.16
CA VAL B 427 1.11 -11.47 -1.83
C VAL B 427 1.01 -9.98 -2.22
N GLY B 428 0.04 -9.70 -3.08
CA GLY B 428 -0.44 -8.34 -3.34
C GLY B 428 -1.96 -8.36 -3.52
N GLY B 429 -2.63 -7.32 -3.03
CA GLY B 429 -4.08 -7.25 -3.12
C GLY B 429 -4.80 -8.28 -2.26
N ILE B 430 -4.08 -8.86 -1.31
CA ILE B 430 -4.64 -9.91 -0.46
C ILE B 430 -4.24 -9.68 1.00
N HIS B 431 -5.17 -9.91 1.92
CA HIS B 431 -4.87 -9.91 3.35
C HIS B 431 -5.19 -11.29 3.85
N VAL B 432 -4.17 -12.01 4.32
CA VAL B 432 -4.38 -13.37 4.78
C VAL B 432 -3.96 -13.47 6.23
N VAL B 433 -4.70 -14.25 7.00
CA VAL B 433 -4.36 -14.53 8.39
C VAL B 433 -4.29 -16.03 8.61
N TYR B 434 -3.19 -16.50 9.18
CA TYR B 434 -3.01 -17.93 9.46
C TYR B 434 -3.08 -18.19 10.96
N ASP B 435 -3.63 -19.34 11.32
CA ASP B 435 -3.51 -19.85 12.68
C ASP B 435 -2.75 -21.17 12.61
N LEU B 436 -1.47 -21.14 12.98
CA LEU B 436 -0.62 -22.31 12.81
C LEU B 436 -0.92 -23.42 13.82
N SER B 437 -1.72 -23.11 14.84
CA SER B 437 -2.10 -24.11 15.84
C SER B 437 -3.17 -25.05 15.30
N ARG B 438 -3.80 -24.67 14.21
CA ARG B 438 -4.84 -25.49 13.64
C ARG B 438 -4.27 -26.58 12.76
N LYS B 439 -5.12 -27.54 12.41
CA LYS B 439 -4.74 -28.67 11.59
C LYS B 439 -4.39 -28.23 10.15
N PRO B 440 -3.32 -28.82 9.58
CA PRO B 440 -2.96 -28.56 8.19
C PRO B 440 -4.16 -28.72 7.28
N GLY B 441 -4.43 -27.74 6.44
CA GLY B 441 -5.60 -27.78 5.58
C GLY B 441 -6.71 -26.93 6.17
N ASP B 442 -6.53 -26.50 7.42
CA ASP B 442 -7.51 -25.64 8.08
C ASP B 442 -6.81 -24.53 8.85
N ARG B 443 -5.72 -24.00 8.28
CA ARG B 443 -4.92 -22.97 8.94
C ARG B 443 -5.25 -21.53 8.52
N VAL B 444 -5.98 -21.40 7.41
CA VAL B 444 -6.37 -20.09 6.94
C VAL B 444 -7.64 -19.62 7.64
N VAL B 445 -7.53 -18.60 8.47
CA VAL B 445 -8.68 -18.17 9.27
C VAL B 445 -9.27 -16.84 8.79
N LYS B 446 -8.52 -16.13 7.95
CA LYS B 446 -9.03 -14.93 7.31
C LYS B 446 -8.36 -14.78 5.96
N LEU B 447 -9.16 -14.44 4.95
CA LEU B 447 -8.64 -14.30 3.59
C LEU B 447 -9.52 -13.29 2.87
N ASP B 448 -9.05 -12.04 2.86
CA ASP B 448 -9.73 -10.96 2.16
C ASP B 448 -8.94 -10.56 0.91
N VAL B 449 -9.66 -10.17 -0.12
CA VAL B 449 -9.03 -9.81 -1.38
C VAL B 449 -9.70 -8.54 -1.93
N LEU B 450 -8.97 -7.80 -2.75
CA LEU B 450 -9.49 -6.60 -3.39
C LEU B 450 -10.60 -6.97 -4.38
N CYS B 451 -11.76 -6.34 -4.22
CA CYS B 451 -12.90 -6.61 -5.09
C CYS B 451 -12.58 -6.23 -6.52
N THR B 452 -13.22 -6.91 -7.45
CA THR B 452 -13.00 -6.64 -8.87
C THR B 452 -14.20 -5.89 -9.47
N LYS B 453 -15.41 -6.35 -9.15
CA LYS B 453 -16.66 -5.75 -9.62
C LYS B 453 -17.06 -4.55 -8.75
N CYS B 454 -16.22 -3.51 -8.72
CA CYS B 454 -16.45 -2.37 -7.83
C CYS B 454 -15.75 -1.14 -8.39
N ARG B 455 -16.32 0.03 -8.16
CA ARG B 455 -15.74 1.28 -8.70
C ARG B 455 -14.52 1.66 -7.86
N VAL B 456 -14.62 1.41 -6.57
CA VAL B 456 -13.51 1.66 -5.65
C VAL B 456 -13.02 0.35 -5.07
N PRO B 457 -11.75 0.01 -5.30
CA PRO B 457 -11.24 -1.24 -4.74
C PRO B 457 -11.27 -1.21 -3.21
N SER B 458 -11.79 -2.27 -2.60
CA SER B 458 -11.65 -2.47 -1.17
C SER B 458 -11.53 -3.98 -0.90
N TYR B 459 -11.10 -4.33 0.31
CA TYR B 459 -10.95 -5.73 0.71
C TYR B 459 -12.25 -6.33 1.20
N ASP B 460 -12.62 -7.47 0.60
CA ASP B 460 -13.81 -8.21 1.00
C ASP B 460 -13.44 -9.65 1.22
N PRO B 461 -14.19 -10.36 2.08
CA PRO B 461 -13.86 -11.78 2.29
C PRO B 461 -13.92 -12.56 0.99
N LEU B 462 -12.90 -13.38 0.77
CA LEU B 462 -12.86 -14.24 -0.40
C LEU B 462 -14.06 -15.20 -0.33
N LYS B 463 -14.64 -15.51 -1.48
CA LYS B 463 -15.75 -16.48 -1.53
C LYS B 463 -15.36 -17.69 -2.36
N MET B 464 -15.63 -18.87 -1.82
CA MET B 464 -15.29 -20.13 -2.49
C MET B 464 -15.87 -20.24 -3.90
N ASP B 465 -17.09 -19.74 -4.05
CA ASP B 465 -17.87 -19.91 -5.28
C ASP B 465 -17.60 -18.80 -6.29
N GLU B 466 -16.89 -17.76 -5.85
CA GLU B 466 -16.58 -16.66 -6.76
C GLU B 466 -15.31 -16.97 -7.55
N VAL B 467 -15.04 -16.18 -8.58
CA VAL B 467 -13.89 -16.42 -9.44
C VAL B 467 -12.97 -15.20 -9.44
N TYR B 468 -11.67 -15.42 -9.36
CA TYR B 468 -10.71 -14.33 -9.26
C TYR B 468 -9.60 -14.36 -10.31
N LYS B 469 -9.11 -13.18 -10.66
CA LYS B 469 -7.99 -13.06 -11.57
C LYS B 469 -6.76 -12.68 -10.76
N VAL B 470 -5.68 -13.44 -10.97
CA VAL B 470 -4.47 -13.37 -10.17
C VAL B 470 -3.24 -13.42 -11.06
N ILE B 471 -2.24 -12.58 -10.76
CA ILE B 471 -0.97 -12.66 -11.45
C ILE B 471 0.04 -13.41 -10.56
N LEU B 472 0.82 -14.30 -11.17
CA LEU B 472 1.70 -15.22 -10.43
C LEU B 472 2.78 -15.80 -11.35
N PRO B 473 3.83 -16.42 -10.77
CA PRO B 473 4.86 -16.94 -11.66
C PRO B 473 4.35 -18.12 -12.48
N ASN B 474 4.87 -18.27 -13.70
CA ASN B 474 4.54 -19.42 -14.52
C ASN B 474 4.84 -20.73 -13.78
N PHE B 475 5.90 -20.70 -12.96
CA PHE B 475 6.27 -21.83 -12.09
C PHE B 475 5.09 -22.29 -11.23
N LEU B 476 4.35 -21.36 -10.63
CA LEU B 476 3.16 -21.74 -9.85
C LEU B 476 2.00 -22.18 -10.74
N ALA B 477 1.81 -21.49 -11.87
CA ALA B 477 0.74 -21.86 -12.80
C ALA B 477 0.94 -23.29 -13.28
N ASN B 478 2.19 -23.71 -13.41
CA ASN B 478 2.54 -25.07 -13.85
C ASN B 478 2.54 -26.11 -12.73
N GLY B 479 2.21 -25.70 -11.51
CA GLY B 479 2.17 -26.62 -10.37
C GLY B 479 3.46 -26.77 -9.58
N GLY B 480 4.42 -25.87 -9.80
CA GLY B 480 5.67 -25.87 -9.03
C GLY B 480 5.40 -25.73 -7.54
N ASP B 481 6.37 -26.17 -6.73
CA ASP B 481 6.23 -26.15 -5.27
C ASP B 481 5.03 -26.93 -4.73
N GLY B 482 4.53 -27.88 -5.52
CA GLY B 482 3.40 -28.71 -5.11
C GLY B 482 2.04 -28.03 -5.21
N PHE B 483 1.96 -26.94 -5.95
CA PHE B 483 0.67 -26.26 -6.13
C PHE B 483 -0.17 -26.89 -7.25
N GLN B 484 -0.39 -28.20 -7.15
CA GLN B 484 -1.15 -28.96 -8.17
C GLN B 484 -2.54 -28.38 -8.42
N MET B 485 -3.18 -27.93 -7.33
CA MET B 485 -4.52 -27.38 -7.40
C MET B 485 -4.60 -26.20 -8.38
N ILE B 486 -3.53 -25.45 -8.53
CA ILE B 486 -3.55 -24.31 -9.46
C ILE B 486 -3.54 -24.80 -10.90
N LYS B 487 -2.63 -25.73 -11.17
CA LYS B 487 -2.48 -26.31 -12.50
C LYS B 487 -3.75 -27.04 -12.93
N ASP B 488 -4.29 -27.86 -12.03
CA ASP B 488 -5.43 -28.69 -12.32
C ASP B 488 -6.77 -27.93 -12.35
N GLU B 489 -6.92 -26.90 -11.53
CA GLU B 489 -8.22 -26.26 -11.37
C GLU B 489 -8.38 -24.90 -12.04
N LEU B 490 -7.29 -24.32 -12.55
CA LEU B 490 -7.34 -22.98 -13.11
C LEU B 490 -8.31 -22.99 -14.29
N LEU B 491 -8.83 -21.82 -14.65
CA LEU B 491 -9.89 -21.70 -15.65
C LEU B 491 -9.39 -20.97 -16.90
N ARG B 492 -8.23 -20.34 -16.78
CA ARG B 492 -7.58 -19.67 -17.89
C ARG B 492 -6.15 -19.33 -17.50
N HIS B 493 -5.24 -19.43 -18.45
CA HIS B 493 -3.83 -19.14 -18.19
C HIS B 493 -3.23 -18.43 -19.40
N ASP B 494 -2.83 -17.17 -19.22
CA ASP B 494 -2.12 -16.44 -20.26
C ASP B 494 -0.69 -16.14 -19.80
N SER B 495 0.28 -16.45 -20.64
CA SER B 495 1.67 -16.20 -20.31
C SER B 495 1.96 -14.71 -20.36
N GLY B 496 2.86 -14.24 -19.50
CA GLY B 496 3.07 -12.81 -19.33
C GLY B 496 4.50 -12.38 -19.57
N ASP B 497 4.88 -11.22 -19.03
CA ASP B 497 6.22 -10.69 -19.26
C ASP B 497 7.34 -11.44 -18.51
N GLN B 498 8.57 -11.24 -18.96
CA GLN B 498 9.74 -11.83 -18.34
C GLN B 498 9.95 -11.26 -16.92
N ASP B 499 10.19 -12.15 -15.96
CA ASP B 499 10.16 -11.80 -14.54
C ASP B 499 11.12 -10.68 -14.14
N ILE B 500 12.39 -10.82 -14.46
CA ILE B 500 13.37 -9.82 -14.07
C ILE B 500 13.18 -8.50 -14.84
N ASN B 501 12.74 -8.60 -16.09
CA ASN B 501 12.42 -7.41 -16.88
C ASN B 501 11.30 -6.63 -16.20
N VAL B 502 10.27 -7.34 -15.77
CA VAL B 502 9.16 -6.68 -15.08
C VAL B 502 9.68 -5.88 -13.89
N VAL B 503 10.50 -6.50 -13.04
CA VAL B 503 10.92 -5.81 -11.82
C VAL B 503 11.90 -4.68 -12.13
N SER B 504 12.75 -4.90 -13.13
CA SER B 504 13.73 -3.90 -13.51
C SER B 504 13.05 -2.63 -14.01
N THR B 505 12.09 -2.78 -14.91
CA THR B 505 11.45 -1.62 -15.51
C THR B 505 10.68 -0.86 -14.44
N TYR B 506 9.98 -1.60 -13.57
CA TYR B 506 9.32 -1.01 -12.41
C TYR B 506 10.26 -0.17 -11.54
N ILE B 507 11.42 -0.72 -11.20
CA ILE B 507 12.38 0.03 -10.40
C ILE B 507 12.81 1.29 -11.15
N SER B 508 13.03 1.13 -12.45
CA SER B 508 13.42 2.23 -13.31
C SER B 508 12.34 3.33 -13.39
N LYS B 509 11.11 2.92 -13.69
CA LYS B 509 9.99 3.86 -13.76
C LYS B 509 9.72 4.58 -12.41
N MET B 510 9.87 3.85 -11.31
CA MET B 510 9.61 4.42 -9.99
C MET B 510 10.77 5.29 -9.48
N LYS B 511 11.97 5.06 -10.03
CA LYS B 511 13.19 5.77 -9.65
C LYS B 511 13.67 5.49 -8.22
N VAL B 512 12.81 5.73 -7.24
CA VAL B 512 13.16 5.45 -5.85
C VAL B 512 12.07 4.57 -5.25
N ILE B 513 12.46 3.45 -4.63
CA ILE B 513 11.49 2.53 -4.06
C ILE B 513 11.68 2.35 -2.56
N TYR B 514 10.61 1.92 -1.89
CA TYR B 514 10.58 1.82 -0.45
C TYR B 514 9.48 0.88 0.05
N PRO B 515 9.48 -0.37 -0.43
CA PRO B 515 8.43 -1.30 0.02
C PRO B 515 8.48 -1.53 1.52
N ALA B 516 7.32 -1.61 2.15
CA ALA B 516 7.21 -1.81 3.58
C ALA B 516 6.59 -3.18 3.86
N VAL B 517 6.75 -3.67 5.08
CA VAL B 517 5.92 -4.74 5.60
C VAL B 517 4.65 -4.10 6.16
N GLU B 518 3.49 -4.47 5.61
CA GLU B 518 2.27 -3.67 5.76
C GLU B 518 1.19 -4.38 6.56
N GLY B 519 1.32 -5.70 6.65
CA GLY B 519 0.31 -6.52 7.28
C GLY B 519 -0.49 -7.32 6.26
N ARG B 520 0.09 -7.56 5.08
CA ARG B 520 -0.59 -8.40 4.08
C ARG B 520 -0.73 -9.84 4.57
N ILE B 521 0.19 -10.24 5.45
CA ILE B 521 0.17 -11.59 6.01
C ILE B 521 0.32 -11.53 7.52
N LYS B 522 -0.63 -12.12 8.24
CA LYS B 522 -0.57 -12.15 9.70
C LYS B 522 -0.78 -13.54 10.27
N PHE B 523 -0.30 -13.74 11.49
CA PHE B 523 -0.47 -14.99 12.23
C PHE B 523 -1.27 -14.74 13.50
N SER B 524 -2.13 -15.69 13.86
CA SER B 524 -2.92 -15.60 15.08
C SER B 524 -2.14 -16.02 16.32
C1 NAG C . -36.39 14.52 -12.52
C2 NAG C . -36.43 13.19 -13.27
C3 NAG C . -37.82 12.58 -13.21
C4 NAG C . -38.33 12.51 -11.77
C5 NAG C . -38.18 13.85 -11.06
C6 NAG C . -38.51 13.71 -9.58
C7 NAG C . -35.12 12.53 -15.22
C8 NAG C . -34.73 12.84 -16.63
N2 NAG C . -36.02 13.35 -14.65
O3 NAG C . -37.78 11.28 -13.75
O4 NAG C . -39.68 12.13 -11.77
O5 NAG C . -36.86 14.37 -11.19
O6 NAG C . -37.68 12.73 -9.00
O7 NAG C . -34.64 11.55 -14.64
ZN ZN D . -18.59 26.37 4.50
ZN ZN E . -19.01 24.74 1.60
P PO4 F . -16.54 23.96 3.54
O1 PO4 F . -16.85 25.29 4.21
O2 PO4 F . -15.05 23.78 3.41
O3 PO4 F . -17.12 22.85 4.37
O4 PO4 F . -17.13 23.91 2.16
C1 NAG G . 35.53 -14.47 13.01
C2 NAG G . 35.88 -13.20 13.79
C3 NAG G . 36.61 -13.53 15.08
C4 NAG G . 35.76 -14.45 15.94
C5 NAG G . 35.24 -15.64 15.13
C6 NAG G . 34.08 -16.21 15.93
C7 NAG G . 36.29 -11.07 12.74
C8 NAG G . 37.18 -10.29 11.81
N2 NAG G . 36.69 -12.32 12.98
O3 NAG G . 36.75 -12.34 15.81
O4 NAG G . 36.50 -14.92 17.05
O5 NAG G . 34.77 -15.32 13.83
O6 NAG G . 33.45 -17.23 15.18
O7 NAG G . 35.26 -10.59 13.24
ZN ZN H . 17.26 -27.51 -2.46
ZN ZN I . 19.04 -24.70 -1.93
P PO4 J . 15.86 -24.56 -2.70
O1 PO4 J . 17.16 -23.83 -2.74
O2 PO4 J . 15.95 -26.01 -3.15
O3 PO4 J . 15.30 -24.52 -1.29
O4 PO4 J . 14.95 -23.83 -3.67
#